data_7VPK
#
_entry.id   7VPK
#
_cell.length_a   1.00
_cell.length_b   1.00
_cell.length_c   1.00
_cell.angle_alpha   90.00
_cell.angle_beta   90.00
_cell.angle_gamma   90.00
#
_symmetry.space_group_name_H-M   'P 1'
#
loop_
_entity.id
_entity.type
_entity.pdbx_description
1 polymer 'Polyamine-transporting ATPase 13A2'
2 branched 2-acetamido-2-deoxy-beta-D-glucopyranose-(1-4)-2-acetamido-2-deoxy-beta-D-glucopyranose
3 non-polymer 'MAGNESIUM ION'
4 non-polymer 'BERYLLIUM TRIFLUORIDE ION'
5 non-polymer SPERMINE
#
_entity_poly.entity_id   1
_entity_poly.type   'polypeptide(L)'
_entity_poly.pdbx_seq_one_letter_code
;GPSRMSADSSPLVGSTPTGYGTLTIGTSIDPLSSSVSSVRLSGYCGSPWRVIGYHVVVWMMAGIPLLLFRWKPLWGVRLR
LRPCNLAHAETLVIEIRDKEDSSWQLFTVQVQTEAIGEGSLEPSPQSQAEDGRSQAAVGAVPEGAWKDTAQLHKSEEAVS
VGQKRVLRYYLFQGQRYIWIETQQAFYQVSLLDHGRSCDDVHRSRHGLSLQDQMVRKAIYGPNVISIPVKSYPQLLVDEA
LNPYYGFQAFSIALWLADHYYWYALCIFLISSISICLSLYKTRKQSQTLRDMVKLSMRVCVCRPGGEEEWVDSSELVPGD
CLVLPQEGGLMPCDAALVAGECMVNESSLTGESIPVLKTALPEGLGPYCAETHRRHTLFCGTLILQARAYVGPHVLAVVT
RTGFCTAKGGLVSSILHPRPINFKFYKHSMKFVAALSVLALLGTIYSIFILYRNRVPLNEIVIRALDLVTVVVPPALPAA
MTVCTLYAQSRLRRQGIFCIHPLRINLGGKLQLVCFDKTGTLTEDGLDVMGVVPLKGQAFLPLVPEPRRLPVGPLLRALA
TCHALSRLQDTPVGDPMDLKMVESTGWVLEEEPAADSAFGTQVLAVMRPPLWEPQLQAMEEPPVPVSVLHRFPFSSALQR
MSVVVAWPGATQPEAYVKGSPELVAGLCNPETVPTDFAQMLQSYTAAGYRVVALASKPLPTVPSLEAAQQLTRDTVEGDL
SLLGLLVMRNLLKPQTTPVIQALRRTRIRAVMVTGDNLQTAVTVARGCGMVAPQEHLIIVHATHPERGQPASLEFLPMES
PTAVNGVKDPDQAASYTVEPDPRSRHLALSGPTFGIIVKHFPKLLPKVLVQGTVFARMAPEQKTELVCELQKLQYCVGMC
GDGANDCGALKAADVGISLSQAEASVVSPFTSSMASIECVPMVIREGRCSLDTSFSVFKYMALYSLTQFISVLILYTINT
NLGDLQFLAIDLVITTTVAVLMSRTGPALVLGRVRPPGALLSVPVLSSLLLQMVLVTGVQLGGYFLTLAQPWFVPLNRTV
AAPDNLPNYENTVVFSLSSFQYLILAAAVSKGAPFRRPLYTNVPFLVALALLSSVLVGLVLVPGLLQGPLALRNITDTGF
KLLLLGLVTLNFVGAFMLESVLDQCLPACLRRLRPKRASKKRFKQLERELAEQPWPPLPAGPLR
;
_entity_poly.pdbx_strand_id   A
#
# COMPACT_ATOMS: atom_id res chain seq x y z
N SER A 38 28.13 5.50 12.10
CA SER A 38 28.39 6.52 11.02
C SER A 38 27.46 7.75 11.11
N VAL A 39 26.52 7.84 12.06
CA VAL A 39 25.52 8.96 12.13
C VAL A 39 26.27 10.22 12.61
N ARG A 40 25.96 11.38 12.02
CA ARG A 40 26.62 12.69 12.32
C ARG A 40 25.72 13.47 13.29
N LEU A 41 26.02 13.36 14.60
CA LEU A 41 25.26 13.94 15.75
C LEU A 41 26.02 15.17 16.27
N SER A 42 25.36 16.34 16.36
CA SER A 42 25.98 17.66 16.70
C SER A 42 25.08 18.47 17.65
N GLY A 43 25.69 19.14 18.63
CA GLY A 43 25.02 19.97 19.66
C GLY A 43 24.77 21.40 19.21
N TYR A 44 23.94 22.21 19.89
CA TYR A 44 23.35 23.47 19.34
C TYR A 44 22.99 24.50 20.42
N CYS A 45 23.48 25.74 20.27
CA CYS A 45 23.11 26.95 21.07
C CYS A 45 23.56 28.24 20.35
N GLY A 46 22.90 29.35 20.67
CA GLY A 46 23.16 30.68 20.08
C GLY A 46 22.65 31.84 20.92
N SER A 47 22.96 33.08 20.51
CA SER A 47 22.44 34.32 21.14
C SER A 47 20.92 34.37 20.92
N PRO A 48 20.08 34.67 21.96
CA PRO A 48 18.61 34.72 21.80
C PRO A 48 18.17 35.72 20.72
N TRP A 49 18.86 36.87 20.64
CA TRP A 49 18.63 37.95 19.65
C TRP A 49 18.97 37.41 18.25
N ARG A 50 20.07 36.64 18.11
CA ARG A 50 20.51 36.01 16.82
C ARG A 50 19.44 35.03 16.31
N VAL A 51 18.89 34.19 17.21
CA VAL A 51 17.76 33.25 16.88
C VAL A 51 16.52 34.08 16.50
N ILE A 52 16.17 35.12 17.28
CA ILE A 52 15.07 36.08 16.98
C ILE A 52 15.32 36.75 15.61
N GLY A 53 16.56 37.16 15.31
CA GLY A 53 17.00 37.75 14.04
C GLY A 53 16.67 36.88 12.84
N TYR A 54 17.07 35.60 12.87
CA TYR A 54 16.73 34.62 11.79
C TYR A 54 15.22 34.29 11.86
N HIS A 55 14.55 34.36 13.02
CA HIS A 55 13.05 34.31 13.12
C HIS A 55 12.45 35.54 12.41
N VAL A 56 13.05 36.73 12.53
CA VAL A 56 12.63 37.94 11.75
C VAL A 56 12.79 37.63 10.25
N VAL A 57 13.88 36.96 9.82
CA VAL A 57 14.19 36.64 8.39
C VAL A 57 13.15 35.66 7.81
N VAL A 58 12.83 34.52 8.47
CA VAL A 58 11.97 33.42 7.90
C VAL A 58 10.67 33.19 8.72
N TRP A 59 10.64 33.33 10.05
CA TRP A 59 9.45 32.99 10.90
C TRP A 59 8.35 34.03 10.64
N MET A 60 8.70 35.33 10.51
CA MET A 60 7.79 36.41 10.03
C MET A 60 7.30 36.10 8.61
N MET A 61 8.23 35.73 7.72
CA MET A 61 7.94 35.22 6.34
C MET A 61 7.04 33.97 6.38
N ALA A 62 7.20 33.13 7.43
CA ALA A 62 6.55 31.81 7.67
C ALA A 62 7.10 30.72 6.74
N GLY A 63 8.25 30.94 6.07
CA GLY A 63 8.87 29.97 5.14
C GLY A 63 8.39 30.06 3.69
N ILE A 64 7.21 30.64 3.41
CA ILE A 64 6.55 30.56 2.07
C ILE A 64 7.42 31.32 1.05
N PRO A 65 7.92 32.54 1.35
CA PRO A 65 9.01 33.15 0.58
C PRO A 65 10.35 32.36 0.57
N LEU A 66 10.72 31.71 1.68
CA LEU A 66 12.02 30.95 1.83
C LEU A 66 12.14 29.91 0.68
N LEU A 67 11.18 28.98 0.56
CA LEU A 67 11.09 27.95 -0.53
C LEU A 67 10.87 28.64 -1.89
N LEU A 68 10.06 29.71 -1.97
CA LEU A 68 9.99 30.54 -3.21
C LEU A 68 11.42 31.00 -3.61
N PHE A 69 12.30 31.29 -2.64
CA PHE A 69 13.78 31.51 -2.86
C PHE A 69 14.64 30.25 -2.60
N ARG A 70 14.10 29.03 -2.38
CA ARG A 70 14.88 27.78 -2.04
C ARG A 70 14.51 26.67 -3.05
N TRP A 71 15.47 26.31 -3.93
CA TRP A 71 15.53 25.01 -4.68
C TRP A 71 15.32 23.83 -3.71
N LYS A 72 16.21 23.68 -2.72
CA LYS A 72 16.12 22.65 -1.63
C LYS A 72 16.73 23.19 -0.33
N PRO A 73 16.23 22.78 0.87
CA PRO A 73 16.62 23.43 2.13
C PRO A 73 17.96 23.01 2.75
N LEU A 74 18.65 21.99 2.20
CA LEU A 74 19.81 21.28 2.83
C LEU A 74 20.90 22.29 3.21
N TRP A 75 21.23 23.19 2.28
CA TRP A 75 22.27 24.26 2.41
C TRP A 75 21.90 25.18 3.59
N GLY A 76 20.67 25.71 3.57
CA GLY A 76 20.05 26.49 4.67
C GLY A 76 20.02 25.72 5.98
N VAL A 77 19.47 24.49 5.97
CA VAL A 77 19.26 23.57 7.14
C VAL A 77 20.59 23.37 7.90
N ARG A 78 21.69 23.09 7.18
CA ARG A 78 23.04 22.70 7.72
C ARG A 78 23.41 23.54 8.95
N LEU A 79 23.42 24.87 8.80
CA LEU A 79 23.90 25.85 9.82
C LEU A 79 22.88 26.96 10.12
N ARG A 80 21.64 26.92 9.60
CA ARG A 80 20.50 27.77 10.11
C ARG A 80 20.51 27.72 11.64
N LEU A 81 20.57 26.51 12.20
CA LEU A 81 20.58 26.28 13.66
C LEU A 81 21.97 26.65 14.18
N ARG A 82 22.03 27.22 15.39
CA ARG A 82 23.24 27.82 16.02
C ARG A 82 23.90 26.70 16.83
N PRO A 83 25.14 26.22 16.50
CA PRO A 83 25.74 25.02 17.13
C PRO A 83 26.41 25.12 18.51
N CYS A 84 26.64 23.97 19.17
CA CYS A 84 27.18 23.84 20.57
C CYS A 84 27.59 22.40 20.90
N ASN A 85 27.89 22.10 22.18
CA ASN A 85 28.05 20.70 22.68
C ASN A 85 26.66 20.05 22.77
N LEU A 86 26.64 18.72 22.77
CA LEU A 86 25.46 17.82 22.79
C LEU A 86 24.59 18.19 24.02
N ALA A 87 25.20 18.38 25.19
CA ALA A 87 24.54 18.80 26.47
C ALA A 87 23.70 20.06 26.25
N HIS A 88 24.29 21.13 25.71
CA HIS A 88 23.62 22.45 25.52
C HIS A 88 22.46 22.28 24.52
N ALA A 89 22.67 21.46 23.48
CA ALA A 89 21.68 21.13 22.41
C ALA A 89 20.31 20.86 23.04
N GLU A 90 19.35 21.76 22.80
CA GLU A 90 17.88 21.51 22.99
C GLU A 90 17.38 20.70 21.77
N THR A 91 17.99 20.87 20.59
CA THR A 91 17.75 20.09 19.34
C THR A 91 19.09 19.60 18.77
N LEU A 92 19.18 18.32 18.39
CA LEU A 92 20.40 17.61 17.90
C LEU A 92 20.22 17.29 16.41
N VAL A 93 21.10 17.81 15.54
CA VAL A 93 21.13 17.43 14.09
C VAL A 93 21.85 16.08 13.99
N ILE A 94 21.15 15.05 13.46
CA ILE A 94 21.67 13.69 13.11
C ILE A 94 21.67 13.62 11.57
N GLU A 95 22.85 13.56 10.94
CA GLU A 95 23.01 13.33 9.47
C GLU A 95 23.56 11.91 9.27
N ILE A 96 22.67 10.95 8.96
CA ILE A 96 23.00 9.49 8.82
C ILE A 96 23.52 9.31 7.40
N ARG A 97 24.77 8.83 7.25
CA ARG A 97 25.47 8.55 5.95
C ARG A 97 25.52 7.03 5.73
N ASP A 98 25.07 6.56 4.55
CA ASP A 98 25.55 5.28 3.96
C ASP A 98 26.91 5.58 3.30
N LYS A 99 28.01 5.05 3.86
CA LYS A 99 29.41 5.23 3.37
C LYS A 99 29.54 4.83 1.89
N GLU A 100 28.95 3.70 1.50
CA GLU A 100 29.07 3.07 0.14
C GLU A 100 28.48 3.99 -0.94
N ASP A 101 27.26 4.49 -0.72
CA ASP A 101 26.47 5.33 -1.67
C ASP A 101 26.46 6.83 -1.28
N SER A 102 27.20 7.26 -0.23
CA SER A 102 27.23 8.63 0.34
C SER A 102 25.82 9.14 0.64
N SER A 103 24.97 8.29 1.26
CA SER A 103 23.53 8.57 1.53
C SER A 103 23.40 9.39 2.84
N TRP A 104 23.75 10.67 2.77
CA TRP A 104 23.78 11.67 3.89
C TRP A 104 22.36 12.21 4.11
N GLN A 105 21.46 11.40 4.69
CA GLN A 105 20.06 11.81 5.04
C GLN A 105 20.12 12.78 6.23
N LEU A 106 19.32 13.85 6.23
CA LEU A 106 19.35 14.97 7.22
C LEU A 106 18.17 14.83 8.20
N PHE A 107 18.42 14.93 9.50
CA PHE A 107 17.42 14.98 10.61
C PHE A 107 17.84 15.96 11.71
N THR A 108 16.86 16.56 12.40
CA THR A 108 17.01 17.45 13.59
C THR A 108 16.00 17.01 14.67
N VAL A 109 16.46 16.70 15.89
CA VAL A 109 15.69 15.96 16.94
C VAL A 109 15.78 16.68 18.29
N GLN A 110 14.62 16.87 18.96
CA GLN A 110 14.48 17.59 20.27
C GLN A 110 15.15 16.76 21.38
N VAL A 111 15.71 17.45 22.40
CA VAL A 111 16.36 16.86 23.61
C VAL A 111 15.31 16.80 24.73
N GLN A 112 15.00 15.60 25.24
CA GLN A 112 14.08 15.36 26.40
C GLN A 112 14.95 15.40 27.67
N THR A 113 14.54 16.21 28.67
CA THR A 113 15.19 16.37 30.01
C THR A 113 14.16 16.00 31.09
N GLU A 114 14.39 14.90 31.82
CA GLU A 114 13.50 14.36 32.90
C GLU A 114 14.34 13.92 34.10
N ALA A 115 13.83 14.14 35.32
CA ALA A 115 14.49 13.84 36.62
C ALA A 115 13.96 12.51 37.17
N ILE A 116 14.83 11.50 37.29
CA ILE A 116 14.48 10.14 37.83
C ILE A 116 14.22 10.26 39.34
N GLY A 117 15.05 11.01 40.07
CA GLY A 117 14.86 11.37 41.50
C GLY A 117 15.62 12.63 41.89
N ARG A 165 18.24 13.73 39.84
CA ARG A 165 19.36 14.13 38.94
C ARG A 165 18.97 13.83 37.48
N VAL A 166 18.89 14.86 36.63
CA VAL A 166 18.24 14.81 35.28
C VAL A 166 19.07 13.91 34.35
N LEU A 167 18.40 13.04 33.60
CA LEU A 167 18.97 12.12 32.57
C LEU A 167 18.51 12.59 31.19
N ARG A 168 19.42 12.57 30.20
CA ARG A 168 19.19 13.08 28.81
C ARG A 168 18.68 11.94 27.93
N TYR A 169 17.46 12.08 27.38
CA TYR A 169 16.78 11.13 26.45
C TYR A 169 16.55 11.82 25.10
N TYR A 170 16.93 11.16 23.99
CA TYR A 170 16.75 11.64 22.58
C TYR A 170 15.85 10.62 21.84
N LEU A 171 14.70 11.08 21.31
CA LEU A 171 13.64 10.24 20.66
C LEU A 171 13.90 10.21 19.14
N PHE A 172 15.04 9.63 18.72
CA PHE A 172 15.53 9.70 17.31
C PHE A 172 14.68 8.74 16.46
N GLN A 173 14.11 9.21 15.33
CA GLN A 173 13.43 8.36 14.31
C GLN A 173 12.38 7.43 14.98
N GLY A 174 11.63 7.96 15.97
CA GLY A 174 10.73 7.18 16.86
C GLY A 174 11.43 6.61 18.09
N GLN A 175 12.47 5.78 17.90
CA GLN A 175 13.10 4.93 18.96
C GLN A 175 13.96 5.79 19.90
N ARG A 176 14.18 5.34 21.14
CA ARG A 176 14.85 6.12 22.23
C ARG A 176 16.36 5.83 22.27
N TYR A 177 17.19 6.79 21.82
CA TYR A 177 18.68 6.82 21.97
C TYR A 177 18.97 7.60 23.28
N ILE A 178 19.43 6.90 24.33
CA ILE A 178 19.55 7.39 25.73
C ILE A 178 21.02 7.83 25.96
N TRP A 179 21.22 9.11 26.32
CA TRP A 179 22.57 9.74 26.53
C TRP A 179 22.91 9.74 28.02
N ILE A 180 23.97 9.02 28.42
CA ILE A 180 24.57 9.09 29.80
C ILE A 180 25.57 10.26 29.80
N GLU A 181 25.28 11.31 30.59
CA GLU A 181 26.12 12.53 30.81
C GLU A 181 27.52 12.15 31.35
N THR A 182 27.61 11.16 32.25
CA THR A 182 28.86 10.75 32.97
C THR A 182 29.94 10.26 31.98
N GLN A 183 29.55 9.46 30.98
CA GLN A 183 30.45 8.89 29.92
C GLN A 183 30.31 9.64 28.57
N GLN A 184 29.45 10.69 28.46
CA GLN A 184 29.21 11.51 27.25
C GLN A 184 28.85 10.59 26.06
N ALA A 185 27.96 9.60 26.30
CA ALA A 185 27.73 8.43 25.43
C ALA A 185 26.23 8.28 25.09
N PHE A 186 25.89 8.20 23.80
CA PHE A 186 24.55 7.83 23.26
C PHE A 186 24.46 6.29 23.30
N TYR A 187 23.40 5.71 23.87
CA TYR A 187 23.11 4.25 23.90
C TYR A 187 21.68 3.99 23.43
N GLN A 188 21.45 2.88 22.71
CA GLN A 188 20.12 2.52 22.11
C GLN A 188 19.25 1.82 23.18
N VAL A 189 18.04 1.42 22.78
CA VAL A 189 17.09 0.59 23.59
C VAL A 189 17.60 -0.85 23.76
N SER A 190 18.70 -1.28 23.11
CA SER A 190 19.37 -2.58 23.31
C SER A 190 20.31 -2.53 24.53
N LEU A 191 19.83 -1.99 25.65
CA LEU A 191 20.64 -1.67 26.88
C LEU A 191 21.13 -3.00 27.47
N LEU A 192 20.26 -3.99 27.56
CA LEU A 192 20.51 -5.33 28.13
C LEU A 192 20.27 -6.42 27.08
N ASP A 193 20.12 -6.06 25.80
CA ASP A 193 19.64 -7.01 24.75
C ASP A 193 20.62 -8.19 24.73
N HIS A 194 21.91 -7.87 24.71
CA HIS A 194 23.02 -8.80 25.04
C HIS A 194 23.04 -9.10 26.55
N GLY A 195 23.15 -10.37 26.92
CA GLY A 195 23.18 -10.84 28.33
C GLY A 195 21.80 -11.07 28.90
N ARG A 196 20.75 -11.07 28.09
CA ARG A 196 19.42 -11.56 28.49
C ARG A 196 19.46 -13.06 28.73
N SER A 197 20.14 -13.53 29.78
CA SER A 197 20.41 -14.98 29.97
C SER A 197 19.08 -15.71 30.21
N CYS A 198 18.89 -16.88 29.61
CA CYS A 198 17.65 -17.72 29.74
C CYS A 198 17.37 -17.93 31.22
N ASP A 199 18.37 -18.37 31.98
CA ASP A 199 18.27 -18.53 33.46
C ASP A 199 18.00 -17.17 34.11
N ASP A 200 18.69 -16.10 33.68
CA ASP A 200 18.53 -14.74 34.28
C ASP A 200 17.09 -14.25 34.11
N VAL A 201 16.50 -14.43 32.92
CA VAL A 201 15.06 -14.12 32.68
C VAL A 201 14.27 -14.98 33.66
N HIS A 202 14.64 -16.27 33.83
CA HIS A 202 13.94 -17.20 34.75
C HIS A 202 13.98 -16.66 36.19
N ARG A 203 15.16 -16.17 36.64
CA ARG A 203 15.40 -15.66 38.02
C ARG A 203 14.45 -14.50 38.34
N SER A 204 14.16 -13.61 37.39
CA SER A 204 13.34 -12.39 37.62
C SER A 204 11.85 -12.76 37.64
N ARG A 205 11.44 -13.64 38.57
CA ARG A 205 10.04 -14.13 38.70
C ARG A 205 9.22 -13.09 39.50
N HIS A 206 9.86 -12.14 40.21
CA HIS A 206 9.19 -11.08 41.03
C HIS A 206 9.91 -9.72 40.86
N GLY A 207 9.14 -8.62 40.83
CA GLY A 207 9.60 -7.24 40.52
C GLY A 207 9.33 -6.28 41.66
N LEU A 208 10.32 -5.44 42.01
CA LEU A 208 10.34 -4.61 43.25
C LEU A 208 9.34 -3.45 43.14
N SER A 209 8.69 -3.11 44.27
CA SER A 209 7.47 -2.25 44.39
C SER A 209 7.63 -0.89 43.66
N LEU A 210 8.76 -0.21 43.87
CA LEU A 210 9.00 1.21 43.44
C LEU A 210 10.45 1.40 42.94
N GLN A 211 11.44 1.08 43.80
CA GLN A 211 12.91 1.33 43.61
C GLN A 211 13.46 0.79 42.27
N ASP A 212 12.86 -0.24 41.67
CA ASP A 212 13.15 -0.72 40.28
C ASP A 212 12.17 -0.07 39.29
N GLN A 213 10.87 -0.01 39.60
CA GLN A 213 9.76 0.43 38.68
C GLN A 213 10.04 1.85 38.15
N MET A 214 10.14 2.82 39.06
CA MET A 214 10.23 4.29 38.78
C MET A 214 11.45 4.59 37.88
N VAL A 215 12.62 4.08 38.27
CA VAL A 215 13.91 4.24 37.51
C VAL A 215 13.80 3.56 36.13
N ARG A 216 13.25 2.33 36.05
CA ARG A 216 13.06 1.56 34.77
C ARG A 216 12.11 2.33 33.83
N LYS A 217 10.97 2.78 34.36
CA LYS A 217 9.96 3.63 33.66
C LYS A 217 10.62 4.90 33.08
N ALA A 218 11.46 5.58 33.88
CA ALA A 218 12.21 6.79 33.48
C ALA A 218 13.22 6.47 32.36
N ILE A 219 14.00 5.38 32.50
CA ILE A 219 15.08 4.99 31.55
C ILE A 219 14.46 4.55 30.21
N TYR A 220 13.56 3.55 30.25
CA TYR A 220 13.00 2.86 29.06
C TYR A 220 11.76 3.58 28.49
N GLY A 221 11.08 4.46 29.24
CA GLY A 221 9.85 5.16 28.81
C GLY A 221 8.58 4.34 29.03
N PRO A 222 7.36 4.92 28.83
CA PRO A 222 6.10 4.24 29.14
C PRO A 222 5.66 3.18 28.12
N ASN A 223 4.88 2.17 28.55
CA ASN A 223 4.39 1.03 27.71
C ASN A 223 3.08 1.46 27.02
N VAL A 224 3.22 2.28 25.97
CA VAL A 224 2.11 2.75 25.06
C VAL A 224 2.70 3.30 23.75
N ILE A 225 1.94 3.22 22.64
CA ILE A 225 2.34 3.69 21.28
C ILE A 225 1.74 5.10 21.11
N SER A 226 2.53 6.14 21.43
CA SER A 226 2.11 7.57 21.43
C SER A 226 2.52 8.23 20.10
N ILE A 227 1.63 8.15 19.10
CA ILE A 227 1.76 8.89 17.80
C ILE A 227 1.25 10.31 18.05
N PRO A 228 2.07 11.39 17.90
CA PRO A 228 1.56 12.77 17.99
C PRO A 228 0.74 13.14 16.75
N VAL A 229 -0.42 13.78 16.95
CA VAL A 229 -1.38 14.22 15.88
C VAL A 229 -1.10 15.72 15.61
N LYS A 230 -0.74 16.07 14.37
CA LYS A 230 -0.25 17.43 13.98
C LYS A 230 -1.45 18.39 13.97
N SER A 231 -1.24 19.64 14.41
CA SER A 231 -2.28 20.71 14.49
C SER A 231 -2.45 21.38 13.12
N TYR A 232 -3.67 21.84 12.83
CA TYR A 232 -4.10 22.44 11.54
C TYR A 232 -3.18 23.61 11.13
N PRO A 233 -2.72 24.51 12.04
CA PRO A 233 -1.62 25.45 11.74
C PRO A 233 -0.32 24.81 11.20
N GLN A 234 0.19 23.76 11.87
CA GLN A 234 1.43 23.04 11.48
C GLN A 234 1.26 22.38 10.10
N LEU A 235 0.10 21.75 9.86
CA LEU A 235 -0.28 21.10 8.57
C LEU A 235 -0.39 22.15 7.46
N LEU A 236 -1.19 23.21 7.67
CA LEU A 236 -1.41 24.35 6.73
C LEU A 236 -0.05 24.97 6.32
N VAL A 237 0.84 25.22 7.30
CA VAL A 237 2.23 25.75 7.10
C VAL A 237 2.95 24.88 6.06
N ASP A 238 3.00 23.56 6.26
CA ASP A 238 3.80 22.62 5.42
C ASP A 238 3.11 22.38 4.07
N GLU A 239 1.77 22.31 4.00
CA GLU A 239 0.99 22.19 2.73
C GLU A 239 1.21 23.45 1.88
N ALA A 240 1.00 24.64 2.47
CA ALA A 240 1.24 25.97 1.85
C ALA A 240 2.71 26.20 1.50
N LEU A 241 3.67 25.50 2.14
CA LEU A 241 5.12 25.55 1.77
C LEU A 241 5.38 24.88 0.41
N ASN A 242 4.44 24.11 -0.19
CA ASN A 242 4.51 23.65 -1.61
C ASN A 242 4.65 24.87 -2.54
N PRO A 243 5.61 24.91 -3.52
CA PRO A 243 5.84 26.11 -4.35
C PRO A 243 4.71 26.57 -5.28
N TYR A 244 3.87 25.66 -5.81
CA TYR A 244 2.83 25.97 -6.83
C TYR A 244 1.76 26.88 -6.21
N TYR A 245 1.34 26.65 -4.96
CA TYR A 245 0.40 27.52 -4.19
C TYR A 245 0.97 28.94 -4.04
N GLY A 246 2.28 29.07 -3.78
CA GLY A 246 3.03 30.35 -3.72
C GLY A 246 2.98 31.10 -5.04
N PHE A 247 3.21 30.39 -6.16
CA PHE A 247 3.06 30.92 -7.54
C PHE A 247 1.60 31.32 -7.80
N GLN A 248 0.62 30.48 -7.42
CA GLN A 248 -0.84 30.77 -7.50
C GLN A 248 -1.20 32.03 -6.69
N ALA A 249 -0.59 32.22 -5.49
CA ALA A 249 -0.81 33.39 -4.60
C ALA A 249 -0.25 34.66 -5.26
N PHE A 250 1.00 34.62 -5.76
CA PHE A 250 1.65 35.69 -6.57
C PHE A 250 0.75 36.04 -7.77
N SER A 251 0.34 35.02 -8.53
CA SER A 251 -0.66 35.06 -9.64
C SER A 251 -1.94 35.80 -9.21
N ILE A 252 -2.52 35.45 -8.03
CA ILE A 252 -3.76 36.08 -7.44
C ILE A 252 -3.50 37.59 -7.25
N ALA A 253 -2.33 37.97 -6.71
CA ALA A 253 -1.94 39.38 -6.44
C ALA A 253 -1.89 40.19 -7.74
N LEU A 254 -1.19 39.67 -8.76
CA LEU A 254 -1.01 40.36 -10.09
C LEU A 254 -2.37 40.49 -10.81
N TRP A 255 -3.20 39.43 -10.78
CA TRP A 255 -4.62 39.44 -11.23
C TRP A 255 -5.42 40.53 -10.51
N LEU A 256 -5.34 40.60 -9.17
CA LEU A 256 -6.03 41.65 -8.34
C LEU A 256 -5.54 43.06 -8.73
N ALA A 257 -4.21 43.22 -8.88
CA ALA A 257 -3.53 44.49 -9.27
C ALA A 257 -3.97 44.97 -10.66
N ASP A 258 -4.03 44.06 -11.66
CA ASP A 258 -4.42 44.36 -13.07
C ASP A 258 -5.94 44.20 -13.30
N HIS A 259 -6.78 44.10 -12.24
CA HIS A 259 -8.27 44.14 -12.24
C HIS A 259 -8.91 42.83 -12.79
N TYR A 260 -8.15 41.75 -12.98
CA TYR A 260 -8.66 40.43 -13.46
C TYR A 260 -9.26 39.71 -12.24
N TYR A 261 -10.49 40.09 -11.87
CA TYR A 261 -11.15 39.74 -10.58
C TYR A 261 -11.84 38.37 -10.69
N TRP A 262 -12.67 38.16 -11.72
CA TRP A 262 -13.57 36.98 -11.94
C TRP A 262 -12.78 35.66 -11.88
N TYR A 263 -11.79 35.49 -12.77
CA TYR A 263 -10.95 34.25 -12.89
C TYR A 263 -10.11 34.04 -11.62
N ALA A 264 -9.50 35.10 -11.08
CA ALA A 264 -8.69 35.09 -9.83
C ALA A 264 -9.49 34.50 -8.67
N LEU A 265 -10.74 34.93 -8.50
CA LEU A 265 -11.71 34.39 -7.49
C LEU A 265 -11.87 32.88 -7.68
N CYS A 266 -12.03 32.40 -8.92
CA CYS A 266 -12.13 30.95 -9.26
C CYS A 266 -10.84 30.21 -8.86
N ILE A 267 -9.66 30.75 -9.24
CA ILE A 267 -8.30 30.20 -8.91
C ILE A 267 -8.13 30.12 -7.38
N PHE A 268 -8.41 31.23 -6.67
CA PHE A 268 -8.38 31.35 -5.18
C PHE A 268 -9.28 30.29 -4.53
N LEU A 269 -10.55 30.25 -4.95
CA LEU A 269 -11.61 29.33 -4.42
C LEU A 269 -11.16 27.86 -4.59
N ILE A 270 -10.75 27.46 -5.81
CA ILE A 270 -10.27 26.08 -6.17
C ILE A 270 -9.06 25.72 -5.29
N SER A 271 -8.06 26.62 -5.21
CA SER A 271 -6.85 26.53 -4.34
C SER A 271 -7.25 26.27 -2.87
N SER A 272 -8.07 27.17 -2.30
CA SER A 272 -8.49 27.19 -0.87
C SER A 272 -9.18 25.88 -0.47
N ILE A 273 -10.15 25.44 -1.26
CA ILE A 273 -10.97 24.19 -1.03
C ILE A 273 -10.05 22.96 -1.14
N SER A 274 -9.08 22.92 -2.07
CA SER A 274 -8.08 21.80 -2.20
C SER A 274 -7.24 21.70 -0.91
N ILE A 275 -6.74 22.84 -0.41
CA ILE A 275 -5.97 22.96 0.88
C ILE A 275 -6.84 22.43 2.04
N CYS A 276 -8.10 22.86 2.15
CA CYS A 276 -9.09 22.43 3.18
C CYS A 276 -9.30 20.91 3.11
N LEU A 277 -9.55 20.37 1.91
CA LEU A 277 -9.67 18.90 1.62
C LEU A 277 -8.41 18.16 2.09
N SER A 278 -7.22 18.64 1.68
CA SER A 278 -5.88 18.05 2.01
C SER A 278 -5.67 17.99 3.53
N LEU A 279 -5.89 19.10 4.24
CA LEU A 279 -5.72 19.24 5.72
C LEU A 279 -6.68 18.28 6.46
N TYR A 280 -7.97 18.27 6.08
CA TYR A 280 -9.03 17.37 6.63
C TYR A 280 -8.60 15.90 6.50
N LYS A 281 -8.22 15.47 5.29
CA LYS A 281 -7.75 14.09 4.96
C LYS A 281 -6.55 13.70 5.84
N THR A 282 -5.53 14.57 5.95
CA THR A 282 -4.25 14.33 6.68
C THR A 282 -4.52 14.19 8.19
N ARG A 283 -5.32 15.09 8.78
CA ARG A 283 -5.78 15.04 10.20
C ARG A 283 -6.52 13.70 10.43
N LYS A 284 -7.58 13.46 9.64
CA LYS A 284 -8.48 12.25 9.71
C LYS A 284 -7.64 10.96 9.65
N GLN A 285 -6.69 10.90 8.72
CA GLN A 285 -5.72 9.77 8.52
C GLN A 285 -4.95 9.49 9.83
N SER A 286 -4.36 10.54 10.43
CA SER A 286 -3.58 10.47 11.70
C SER A 286 -4.49 10.08 12.87
N GLN A 287 -5.68 10.70 12.97
CA GLN A 287 -6.69 10.53 14.06
C GLN A 287 -7.08 9.04 14.19
N THR A 288 -7.46 8.41 13.07
CA THR A 288 -7.86 6.97 13.01
C THR A 288 -6.67 6.06 13.36
N LEU A 289 -5.45 6.37 12.89
CA LEU A 289 -4.22 5.55 13.15
C LEU A 289 -3.87 5.63 14.64
N ARG A 290 -3.84 6.84 15.21
CA ARG A 290 -3.62 7.12 16.67
C ARG A 290 -4.65 6.36 17.51
N ASP A 291 -5.93 6.43 17.15
CA ASP A 291 -7.06 5.64 17.73
C ASP A 291 -6.78 4.13 17.62
N MET A 292 -6.40 3.65 16.42
CA MET A 292 -6.24 2.21 16.08
C MET A 292 -5.06 1.59 16.84
N VAL A 293 -3.88 2.24 16.88
CA VAL A 293 -2.64 1.75 17.56
C VAL A 293 -2.66 2.20 19.04
N LYS A 294 -3.66 1.72 19.78
CA LYS A 294 -3.91 2.06 21.21
C LYS A 294 -4.68 0.91 21.88
N LEU A 295 -4.29 0.52 23.09
CA LEU A 295 -4.87 -0.62 23.85
C LEU A 295 -4.93 -0.22 25.34
N SER A 296 -6.14 -0.27 25.92
CA SER A 296 -6.46 0.14 27.32
C SER A 296 -7.06 -1.08 28.06
N MET A 297 -6.21 -2.10 28.27
CA MET A 297 -6.54 -3.39 28.94
C MET A 297 -5.96 -3.37 30.36
N ARG A 298 -6.83 -3.40 31.37
CA ARG A 298 -6.45 -3.40 32.82
C ARG A 298 -5.90 -4.80 33.11
N VAL A 299 -4.67 -4.91 33.66
CA VAL A 299 -3.92 -6.20 33.79
C VAL A 299 -3.26 -6.32 35.18
N CYS A 300 -3.03 -7.56 35.60
CA CYS A 300 -2.37 -7.96 36.89
C CYS A 300 -0.84 -7.81 36.77
N VAL A 301 -0.13 -7.87 37.91
CA VAL A 301 1.36 -7.88 38.01
C VAL A 301 1.80 -8.95 39.03
N CYS A 302 3.09 -9.32 39.01
CA CYS A 302 3.73 -10.32 39.91
C CYS A 302 4.80 -9.64 40.79
N ARG A 303 4.52 -8.45 41.34
CA ARG A 303 5.40 -7.85 42.39
C ARG A 303 5.28 -8.76 43.61
N PRO A 304 6.36 -9.13 44.33
CA PRO A 304 6.27 -10.15 45.40
C PRO A 304 5.21 -9.78 46.46
N GLY A 305 5.20 -8.52 46.91
CA GLY A 305 4.06 -7.92 47.63
C GLY A 305 2.82 -7.77 46.75
N GLY A 306 2.98 -7.18 45.56
CA GLY A 306 1.90 -6.66 44.69
C GLY A 306 1.48 -7.62 43.57
N GLU A 307 0.31 -8.22 43.69
CA GLU A 307 -0.25 -9.21 42.70
C GLU A 307 -1.69 -8.82 42.31
N GLU A 308 -2.05 -7.54 42.47
CA GLU A 308 -3.45 -7.04 42.37
C GLU A 308 -3.88 -7.20 40.92
N GLU A 309 -4.90 -8.01 40.67
CA GLU A 309 -5.68 -8.11 39.40
C GLU A 309 -5.98 -6.72 38.84
N TRP A 310 -5.76 -6.52 37.53
CA TRP A 310 -6.10 -5.26 36.83
C TRP A 310 -5.38 -4.08 37.52
N VAL A 311 -4.13 -4.29 37.99
CA VAL A 311 -3.36 -3.25 38.74
C VAL A 311 -3.16 -2.01 37.85
N ASP A 312 -2.88 -2.18 36.54
CA ASP A 312 -2.45 -1.08 35.62
C ASP A 312 -2.84 -1.36 34.16
N SER A 313 -2.63 -0.38 33.28
CA SER A 313 -2.76 -0.49 31.80
C SER A 313 -1.40 -0.31 31.13
N SER A 314 -0.95 0.93 30.95
CA SER A 314 0.28 1.32 30.21
C SER A 314 1.53 1.34 31.12
N GLU A 315 1.39 1.04 32.41
CA GLU A 315 2.43 1.29 33.45
C GLU A 315 3.45 0.14 33.43
N LEU A 316 3.24 -0.92 32.62
CA LEU A 316 4.16 -2.09 32.49
C LEU A 316 5.59 -1.61 32.19
N VAL A 317 6.57 -2.17 32.89
CA VAL A 317 8.03 -1.88 32.76
C VAL A 317 8.69 -3.07 32.06
N PRO A 318 9.74 -2.87 31.22
CA PRO A 318 10.35 -3.97 30.46
C PRO A 318 10.83 -5.16 31.31
N GLY A 319 11.38 -4.87 32.51
CA GLY A 319 11.84 -5.85 33.51
C GLY A 319 10.73 -6.62 34.22
N ASP A 320 9.47 -6.16 34.22
CA ASP A 320 8.41 -6.69 35.12
C ASP A 320 7.95 -8.10 34.72
N CYS A 321 7.37 -8.81 35.69
CA CYS A 321 6.69 -10.13 35.56
C CYS A 321 5.19 -9.95 35.66
N LEU A 322 4.42 -10.75 34.92
CA LEU A 322 2.93 -10.62 34.83
C LEU A 322 2.25 -11.99 34.91
N VAL A 323 1.04 -11.99 35.48
CA VAL A 323 0.08 -13.13 35.53
C VAL A 323 -0.88 -12.94 34.36
N LEU A 324 -1.22 -14.01 33.63
CA LEU A 324 -2.04 -13.95 32.39
C LEU A 324 -3.51 -14.21 32.73
N PRO A 325 -4.49 -13.78 31.89
CA PRO A 325 -5.86 -14.30 31.95
C PRO A 325 -5.92 -15.80 31.58
N GLN A 326 -6.83 -16.55 32.22
CA GLN A 326 -6.97 -18.02 32.09
C GLN A 326 -7.46 -18.39 30.69
N GLU A 327 -8.44 -17.64 30.14
CA GLU A 327 -9.02 -17.80 28.78
C GLU A 327 -9.25 -16.42 28.14
N GLY A 328 -9.01 -16.31 26.82
CA GLY A 328 -9.42 -15.17 25.96
C GLY A 328 -8.77 -13.85 26.34
N GLY A 329 -7.43 -13.84 26.47
CA GLY A 329 -6.62 -12.69 26.93
C GLY A 329 -5.72 -12.13 25.83
N LEU A 330 -5.98 -10.89 25.37
CA LEU A 330 -5.12 -10.18 24.37
C LEU A 330 -3.83 -9.73 25.06
N MET A 331 -2.66 -9.96 24.43
CA MET A 331 -1.32 -9.66 25.02
C MET A 331 -1.00 -8.17 24.77
N PRO A 332 -0.85 -7.32 25.83
CA PRO A 332 -0.44 -5.92 25.64
C PRO A 332 1.06 -5.71 25.36
N CYS A 333 1.94 -6.50 26.00
CA CYS A 333 3.43 -6.33 26.03
C CYS A 333 4.13 -7.64 25.61
N ASP A 334 5.22 -7.55 24.82
CA ASP A 334 5.99 -8.75 24.36
C ASP A 334 6.81 -9.26 25.55
N ALA A 335 6.60 -10.53 25.93
CA ALA A 335 7.02 -11.14 27.22
C ALA A 335 7.37 -12.62 27.05
N ALA A 336 8.51 -13.06 27.61
CA ALA A 336 8.92 -14.48 27.69
C ALA A 336 8.10 -15.18 28.79
N LEU A 337 7.63 -16.41 28.56
CA LEU A 337 6.83 -17.18 29.56
C LEU A 337 7.79 -17.99 30.48
N VAL A 338 7.71 -17.73 31.80
CA VAL A 338 8.69 -18.21 32.81
C VAL A 338 8.25 -19.62 33.25
N ALA A 339 6.96 -19.82 33.53
CA ALA A 339 6.31 -21.13 33.82
C ALA A 339 4.91 -21.22 33.19
N GLY A 340 4.40 -22.45 33.08
CA GLY A 340 3.09 -22.79 32.50
C GLY A 340 3.14 -23.04 31.00
N GLU A 341 2.01 -23.43 30.40
CA GLU A 341 1.80 -23.59 28.93
C GLU A 341 0.66 -22.65 28.47
N CYS A 342 0.70 -22.25 27.19
CA CYS A 342 -0.31 -21.37 26.54
C CYS A 342 -0.59 -21.81 25.08
N MET A 343 -1.85 -21.66 24.64
CA MET A 343 -2.31 -21.79 23.24
C MET A 343 -2.76 -20.40 22.76
N VAL A 344 -2.08 -19.84 21.75
CA VAL A 344 -2.21 -18.41 21.31
C VAL A 344 -2.47 -18.35 19.79
N ASN A 345 -3.28 -17.38 19.34
CA ASN A 345 -3.60 -17.07 17.92
C ASN A 345 -2.63 -15.99 17.45
N GLU A 346 -1.62 -16.35 16.65
CA GLU A 346 -0.58 -15.43 16.08
C GLU A 346 -1.08 -14.89 14.71
N SER A 347 -2.26 -14.26 14.69
CA SER A 347 -2.89 -13.66 13.47
C SER A 347 -2.01 -12.53 12.91
N SER A 348 -1.54 -11.65 13.81
CA SER A 348 -0.58 -10.53 13.57
C SER A 348 0.67 -10.99 12.80
N LEU A 349 1.25 -12.16 13.12
CA LEU A 349 2.63 -12.55 12.70
C LEU A 349 2.59 -13.54 11.53
N THR A 350 1.82 -14.63 11.65
CA THR A 350 1.75 -15.76 10.67
C THR A 350 0.53 -15.63 9.73
N GLY A 351 -0.47 -14.79 10.02
CA GLY A 351 -1.76 -14.76 9.27
C GLY A 351 -2.43 -16.13 9.29
N GLU A 352 -2.57 -16.73 10.47
CA GLU A 352 -3.16 -18.07 10.72
C GLU A 352 -4.28 -17.92 11.77
N SER A 353 -5.41 -18.62 11.57
CA SER A 353 -6.50 -18.81 12.57
C SER A 353 -6.15 -19.91 13.60
N ILE A 354 -5.27 -20.86 13.26
CA ILE A 354 -4.88 -22.04 14.11
C ILE A 354 -4.10 -21.56 15.34
N PRO A 355 -4.14 -22.27 16.50
CA PRO A 355 -3.32 -21.92 17.66
C PRO A 355 -1.85 -22.38 17.52
N VAL A 356 -0.95 -21.81 18.34
CA VAL A 356 0.49 -22.21 18.47
C VAL A 356 0.76 -22.49 19.97
N LEU A 357 1.25 -23.69 20.29
CA LEU A 357 1.71 -24.11 21.65
C LEU A 357 2.93 -23.27 22.05
N LYS A 358 2.93 -22.77 23.30
CA LYS A 358 4.03 -21.99 23.94
C LYS A 358 4.45 -22.71 25.23
N THR A 359 5.77 -22.89 25.43
CA THR A 359 6.42 -23.69 26.51
C THR A 359 7.39 -22.78 27.29
N ALA A 360 7.66 -23.11 28.57
CA ALA A 360 8.57 -22.35 29.46
C ALA A 360 10.00 -22.36 28.92
N LEU A 361 10.77 -21.29 29.20
CA LEU A 361 12.22 -21.14 28.80
C LEU A 361 13.02 -22.29 29.43
N PRO A 362 13.79 -23.15 28.67
CA PRO A 362 14.52 -24.27 29.27
C PRO A 362 15.86 -23.83 29.87
N GLU A 363 16.06 -24.06 31.18
CA GLU A 363 17.12 -23.47 32.06
C GLU A 363 18.52 -23.68 31.44
N GLY A 364 19.25 -22.58 31.17
CA GLY A 364 20.56 -22.58 30.48
C GLY A 364 21.43 -21.36 30.82
N LEU A 365 22.75 -21.54 30.81
CA LEU A 365 23.76 -20.61 31.38
C LEU A 365 24.25 -19.60 30.32
N GLY A 366 24.28 -19.98 29.02
CA GLY A 366 24.65 -19.10 27.88
C GLY A 366 23.71 -17.90 27.67
N PRO A 367 24.03 -17.00 26.69
CA PRO A 367 23.25 -15.79 26.45
C PRO A 367 21.99 -16.12 25.63
N TYR A 368 21.05 -16.79 26.29
CA TYR A 368 19.90 -17.53 25.70
C TYR A 368 18.64 -16.66 25.84
N CYS A 369 18.59 -15.59 25.04
CA CYS A 369 17.43 -14.66 24.91
C CYS A 369 16.28 -15.38 24.18
N ALA A 370 15.04 -15.04 24.53
CA ALA A 370 13.78 -15.60 23.95
C ALA A 370 13.66 -15.27 22.45
N GLU A 371 14.08 -14.06 22.03
CA GLU A 371 14.17 -13.53 20.63
C GLU A 371 14.63 -14.61 19.64
N THR A 372 15.83 -15.15 19.85
CA THR A 372 16.51 -16.15 18.97
C THR A 372 15.78 -17.51 19.05
N HIS A 373 15.38 -17.95 20.27
CA HIS A 373 14.69 -19.26 20.53
C HIS A 373 13.35 -19.29 19.80
N ARG A 374 12.52 -18.26 20.04
CA ARG A 374 11.24 -17.92 19.35
C ARG A 374 10.12 -18.96 19.60
N ARG A 375 10.21 -19.84 20.62
CA ARG A 375 9.12 -20.74 21.10
C ARG A 375 8.66 -20.40 22.53
N HIS A 376 9.46 -19.67 23.34
CA HIS A 376 9.20 -19.36 24.78
C HIS A 376 8.83 -17.88 24.97
N THR A 377 8.25 -17.23 23.94
CA THR A 377 7.99 -15.77 23.81
C THR A 377 6.52 -15.57 23.36
N LEU A 378 5.77 -14.74 24.10
CA LEU A 378 4.43 -14.22 23.69
C LEU A 378 4.63 -12.83 23.06
N PHE A 379 4.60 -12.75 21.73
CA PHE A 379 4.74 -11.49 20.95
C PHE A 379 3.46 -10.64 21.10
N CYS A 380 3.64 -9.31 21.12
CA CYS A 380 2.59 -8.28 21.41
C CYS A 380 1.53 -8.25 20.28
N GLY A 381 0.28 -7.90 20.63
CA GLY A 381 -0.87 -7.86 19.72
C GLY A 381 -1.61 -9.20 19.60
N THR A 382 -0.99 -10.34 19.94
CA THR A 382 -1.54 -11.72 19.77
C THR A 382 -2.58 -11.99 20.87
N LEU A 383 -3.52 -12.91 20.60
CA LEU A 383 -4.57 -13.37 21.56
C LEU A 383 -4.10 -14.69 22.19
N ILE A 384 -4.14 -14.79 23.53
CA ILE A 384 -4.05 -16.09 24.28
C ILE A 384 -5.47 -16.68 24.26
N LEU A 385 -5.70 -17.76 23.49
CA LEU A 385 -7.00 -18.51 23.48
C LEU A 385 -7.15 -19.25 24.81
N GLN A 386 -6.13 -19.99 25.24
CA GLN A 386 -6.15 -20.94 26.40
C GLN A 386 -4.81 -20.82 27.16
N ALA A 387 -4.87 -20.72 28.50
CA ALA A 387 -3.72 -20.79 29.43
C ALA A 387 -3.92 -21.95 30.42
N ARG A 388 -2.86 -22.74 30.68
CA ARG A 388 -2.89 -23.97 31.52
C ARG A 388 -1.64 -24.01 32.42
N ALA A 389 -1.83 -24.20 33.73
CA ALA A 389 -0.78 -24.34 34.77
C ALA A 389 -0.90 -25.73 35.44
N TYR A 390 0.21 -26.48 35.52
CA TYR A 390 0.30 -27.85 36.09
C TYR A 390 1.47 -27.97 37.11
N VAL A 391 2.68 -27.53 36.76
CA VAL A 391 3.92 -27.66 37.59
C VAL A 391 3.97 -26.61 38.72
N GLY A 392 3.26 -25.47 38.59
CA GLY A 392 3.16 -24.39 39.61
C GLY A 392 1.73 -23.98 39.93
N PRO A 393 1.50 -23.02 40.87
CA PRO A 393 0.15 -22.54 41.20
C PRO A 393 -0.62 -21.86 40.05
N HIS A 394 0.06 -21.00 39.27
CA HIS A 394 -0.51 -20.24 38.12
C HIS A 394 0.56 -19.98 37.04
N VAL A 395 0.12 -19.69 35.81
CA VAL A 395 0.99 -19.33 34.65
C VAL A 395 1.66 -17.96 34.91
N LEU A 396 2.93 -17.82 34.51
CA LEU A 396 3.84 -16.68 34.83
C LEU A 396 4.66 -16.31 33.58
N ALA A 397 4.75 -15.01 33.25
CA ALA A 397 5.62 -14.43 32.21
C ALA A 397 6.43 -13.23 32.76
N VAL A 398 7.57 -12.94 32.12
CA VAL A 398 8.47 -11.75 32.35
C VAL A 398 8.48 -10.94 31.04
N VAL A 399 8.31 -9.61 31.13
CA VAL A 399 8.30 -8.68 29.95
C VAL A 399 9.70 -8.70 29.30
N THR A 400 9.74 -8.52 27.97
CA THR A 400 10.96 -8.47 27.12
C THR A 400 11.01 -7.13 26.35
N ARG A 401 9.92 -6.74 25.66
CA ARG A 401 9.80 -5.49 24.86
C ARG A 401 8.51 -4.73 25.23
N THR A 402 8.56 -3.40 25.15
CA THR A 402 7.51 -2.42 25.58
C THR A 402 7.48 -1.22 24.59
N GLY A 403 6.28 -0.67 24.34
CA GLY A 403 6.04 0.54 23.54
C GLY A 403 6.51 0.39 22.10
N PHE A 404 7.32 1.34 21.60
CA PHE A 404 7.90 1.34 20.22
C PHE A 404 8.96 0.21 20.06
N CYS A 405 9.56 -0.32 21.14
CA CYS A 405 10.59 -1.39 21.09
C CYS A 405 10.03 -2.74 20.60
N THR A 406 8.75 -3.05 20.84
CA THR A 406 8.10 -4.32 20.39
C THR A 406 7.91 -4.30 18.85
N ALA A 407 7.72 -5.48 18.26
CA ALA A 407 7.62 -5.76 16.80
C ALA A 407 6.49 -4.95 16.16
N LYS A 408 5.30 -4.95 16.80
CA LYS A 408 4.12 -4.07 16.49
C LYS A 408 4.56 -2.61 16.41
N GLY A 409 5.36 -2.14 17.38
CA GLY A 409 6.01 -0.81 17.40
C GLY A 409 6.93 -0.60 16.21
N GLY A 410 7.69 -1.63 15.81
CA GLY A 410 8.47 -1.70 14.55
C GLY A 410 7.60 -1.47 13.32
N LEU A 411 6.44 -2.13 13.26
CA LEU A 411 5.41 -1.94 12.18
C LEU A 411 4.87 -0.50 12.21
N VAL A 412 4.54 0.05 13.40
CA VAL A 412 4.07 1.47 13.58
C VAL A 412 5.18 2.43 13.11
N SER A 413 6.44 2.19 13.46
CA SER A 413 7.62 2.99 12.97
C SER A 413 7.74 2.86 11.45
N SER A 414 7.46 1.66 10.88
CA SER A 414 7.47 1.35 9.43
C SER A 414 6.38 2.14 8.67
N ILE A 415 5.12 2.15 9.16
CA ILE A 415 3.99 2.90 8.50
C ILE A 415 4.22 4.40 8.66
N LEU A 416 4.73 4.87 9.80
CA LEU A 416 5.22 6.27 9.98
C LEU A 416 6.54 6.48 9.22
N HIS A 417 6.98 7.74 9.10
CA HIS A 417 8.29 8.16 8.52
C HIS A 417 8.45 7.66 7.08
N PRO A 418 7.39 7.73 6.21
CA PRO A 418 7.35 6.93 4.98
C PRO A 418 8.33 7.41 3.90
N ARG A 419 8.90 6.46 3.12
CA ARG A 419 9.88 6.73 2.02
C ARG A 419 9.19 7.62 0.97
N PRO A 420 9.79 8.73 0.45
CA PRO A 420 9.13 9.61 -0.52
C PRO A 420 8.76 8.91 -1.85
N ILE A 421 7.58 9.23 -2.39
CA ILE A 421 6.97 8.54 -3.57
C ILE A 421 7.66 9.14 -4.79
N ASN A 422 8.47 8.34 -5.51
CA ASN A 422 9.35 8.75 -6.64
C ASN A 422 8.79 8.17 -7.93
N PHE A 423 8.40 9.02 -8.88
CA PHE A 423 7.75 8.66 -10.18
C PHE A 423 8.28 9.58 -11.29
N LYS A 424 8.45 9.05 -12.51
CA LYS A 424 9.13 9.70 -13.65
C LYS A 424 8.28 10.88 -14.13
N PHE A 425 6.98 10.62 -14.41
CA PHE A 425 5.94 11.62 -14.81
C PHE A 425 5.90 12.83 -13.85
N TYR A 426 5.92 12.58 -12.54
CA TYR A 426 5.70 13.58 -11.45
C TYR A 426 6.91 14.54 -11.40
N LYS A 427 8.13 13.99 -11.48
CA LYS A 427 9.40 14.80 -11.57
C LYS A 427 9.44 15.53 -12.93
N HIS A 428 9.07 14.85 -14.03
CA HIS A 428 9.14 15.38 -15.42
C HIS A 428 8.14 16.53 -15.63
N SER A 429 6.93 16.44 -15.08
CA SER A 429 5.91 17.54 -15.03
C SER A 429 6.50 18.78 -14.35
N MET A 430 7.18 18.60 -13.21
CA MET A 430 7.90 19.69 -12.47
C MET A 430 9.03 20.25 -13.35
N LYS A 431 9.81 19.38 -14.02
CA LYS A 431 10.93 19.77 -14.93
C LYS A 431 10.40 20.56 -16.14
N PHE A 432 9.28 20.15 -16.75
CA PHE A 432 8.62 20.85 -17.89
C PHE A 432 8.15 22.25 -17.45
N VAL A 433 7.56 22.37 -16.24
CA VAL A 433 7.17 23.68 -15.61
C VAL A 433 8.42 24.56 -15.39
N ALA A 434 9.58 23.97 -15.05
CA ALA A 434 10.87 24.70 -14.90
C ALA A 434 11.31 25.29 -16.25
N ALA A 435 11.28 24.48 -17.32
CA ALA A 435 11.59 24.89 -18.72
C ALA A 435 10.67 26.05 -19.18
N LEU A 436 9.37 25.98 -18.85
CA LEU A 436 8.37 27.07 -19.08
C LEU A 436 8.80 28.36 -18.36
N SER A 437 9.36 28.28 -17.13
CA SER A 437 9.84 29.45 -16.34
C SER A 437 11.03 30.13 -17.04
N VAL A 438 11.98 29.36 -17.58
CA VAL A 438 13.13 29.85 -18.42
C VAL A 438 12.56 30.58 -19.66
N LEU A 439 11.67 29.91 -20.42
CA LEU A 439 10.98 30.46 -21.64
C LEU A 439 10.20 31.73 -21.30
N ALA A 440 9.52 31.76 -20.15
CA ALA A 440 8.79 32.93 -19.58
C ALA A 440 9.77 34.08 -19.27
N LEU A 441 10.89 33.77 -18.60
CA LEU A 441 11.94 34.75 -18.19
C LEU A 441 12.54 35.40 -19.45
N LEU A 442 12.90 34.58 -20.46
CA LEU A 442 13.30 35.03 -21.83
C LEU A 442 12.19 35.89 -22.46
N GLY A 443 10.93 35.45 -22.37
CA GLY A 443 9.72 36.18 -22.82
C GLY A 443 9.61 37.57 -22.20
N THR A 444 9.77 37.67 -20.88
CA THR A 444 9.77 38.94 -20.08
C THR A 444 10.84 39.91 -20.64
N ILE A 445 12.04 39.43 -21.03
CA ILE A 445 13.13 40.32 -21.56
C ILE A 445 12.61 40.96 -22.87
N TYR A 446 12.01 40.15 -23.76
CA TYR A 446 11.42 40.60 -25.06
C TYR A 446 10.28 41.59 -24.79
N SER A 447 9.36 41.26 -23.88
CA SER A 447 8.22 42.11 -23.42
C SER A 447 8.73 43.49 -22.98
N ILE A 448 9.71 43.52 -22.04
CA ILE A 448 10.30 44.75 -21.41
C ILE A 448 10.87 45.67 -22.52
N PHE A 449 11.70 45.13 -23.44
CA PHE A 449 12.31 45.89 -24.57
C PHE A 449 11.22 46.46 -25.50
N ILE A 450 10.35 45.57 -26.03
CA ILE A 450 9.26 45.92 -27.03
C ILE A 450 8.31 46.97 -26.41
N LEU A 451 7.95 46.84 -25.12
CA LEU A 451 7.13 47.84 -24.38
C LEU A 451 7.87 49.20 -24.29
N TYR A 452 9.21 49.20 -24.14
CA TYR A 452 10.07 50.41 -24.05
C TYR A 452 10.19 51.08 -25.43
N ARG A 453 10.41 50.27 -26.48
CA ARG A 453 10.27 50.66 -27.94
C ARG A 453 8.86 51.18 -28.22
N ASN A 454 7.83 50.56 -27.64
CA ASN A 454 6.40 50.98 -27.70
C ASN A 454 6.15 52.26 -26.90
N ARG A 455 7.01 52.58 -25.92
CA ARG A 455 7.08 53.85 -25.15
C ARG A 455 5.81 53.95 -24.30
N VAL A 456 5.55 52.90 -23.51
CA VAL A 456 4.41 52.79 -22.54
C VAL A 456 4.90 53.35 -21.20
N PRO A 457 4.01 53.66 -20.21
CA PRO A 457 4.45 54.10 -18.87
C PRO A 457 5.23 53.02 -18.09
N LEU A 458 6.13 53.46 -17.20
CA LEU A 458 7.09 52.61 -16.41
C LEU A 458 6.30 51.54 -15.63
N ASN A 459 5.21 51.96 -14.96
CA ASN A 459 4.28 51.09 -14.15
C ASN A 459 3.73 49.96 -15.03
N GLU A 460 3.19 50.28 -16.23
CA GLU A 460 2.64 49.30 -17.22
C GLU A 460 3.69 48.20 -17.53
N ILE A 461 4.99 48.55 -17.64
CA ILE A 461 6.07 47.62 -18.12
C ILE A 461 6.22 46.48 -17.09
N VAL A 462 6.23 46.79 -15.77
CA VAL A 462 6.38 45.76 -14.70
C VAL A 462 5.14 44.84 -14.71
N ILE A 463 3.92 45.39 -14.85
CA ILE A 463 2.64 44.62 -14.77
C ILE A 463 2.54 43.67 -15.96
N ARG A 464 2.72 44.17 -17.21
CA ARG A 464 2.49 43.38 -18.45
C ARG A 464 3.60 42.31 -18.63
N ALA A 465 4.87 42.61 -18.30
CA ALA A 465 5.99 41.62 -18.37
C ALA A 465 5.73 40.45 -17.40
N LEU A 466 5.37 40.74 -16.14
CA LEU A 466 5.01 39.72 -15.10
C LEU A 466 3.76 38.93 -15.53
N ASP A 467 2.73 39.61 -16.08
CA ASP A 467 1.46 39.00 -16.59
C ASP A 467 1.78 37.83 -17.54
N LEU A 468 2.71 38.07 -18.48
CA LEU A 468 3.18 37.07 -19.50
C LEU A 468 3.80 35.85 -18.80
N VAL A 469 4.55 36.02 -17.70
CA VAL A 469 5.11 34.91 -16.84
C VAL A 469 3.95 34.01 -16.36
N THR A 470 2.85 34.61 -15.90
CA THR A 470 1.62 33.91 -15.42
C THR A 470 0.91 33.19 -16.59
N VAL A 471 0.99 33.69 -17.84
CA VAL A 471 0.44 33.00 -19.05
C VAL A 471 1.27 31.74 -19.37
N VAL A 472 2.61 31.81 -19.30
CA VAL A 472 3.56 30.73 -19.75
C VAL A 472 3.45 29.53 -18.78
N VAL A 473 3.36 29.76 -17.47
CA VAL A 473 3.20 28.72 -16.41
C VAL A 473 1.72 28.73 -15.99
N PRO A 474 0.83 27.84 -16.49
CA PRO A 474 -0.61 27.98 -16.30
C PRO A 474 -1.06 27.69 -14.87
N PRO A 475 -1.62 28.66 -14.10
CA PRO A 475 -1.89 28.47 -12.66
C PRO A 475 -3.01 27.48 -12.29
N ALA A 476 -3.89 27.11 -13.23
CA ALA A 476 -4.92 26.05 -13.08
C ALA A 476 -4.38 24.64 -13.41
N LEU A 477 -3.11 24.47 -13.83
CA LEU A 477 -2.51 23.17 -14.29
C LEU A 477 -2.70 22.05 -13.26
N PRO A 478 -2.41 22.22 -11.93
CA PRO A 478 -2.61 21.15 -10.94
C PRO A 478 -4.08 20.71 -10.83
N ALA A 479 -5.00 21.69 -10.72
CA ALA A 479 -6.47 21.51 -10.67
C ALA A 479 -6.97 20.66 -11.85
N ALA A 480 -6.42 20.87 -13.06
CA ALA A 480 -6.78 20.12 -14.30
C ALA A 480 -6.53 18.62 -14.12
N MET A 481 -5.30 18.23 -13.77
CA MET A 481 -4.88 16.79 -13.63
C MET A 481 -5.67 16.09 -12.52
N THR A 482 -6.03 16.80 -11.44
CA THR A 482 -6.94 16.31 -10.35
C THR A 482 -8.29 15.84 -10.93
N VAL A 483 -8.85 16.54 -11.94
CA VAL A 483 -10.20 16.23 -12.53
C VAL A 483 -10.19 14.82 -13.14
N CYS A 484 -9.09 14.42 -13.81
CA CYS A 484 -8.84 13.05 -14.37
C CYS A 484 -9.01 11.98 -13.28
N THR A 485 -8.33 12.15 -12.14
CA THR A 485 -8.32 11.20 -11.00
C THR A 485 -9.68 11.22 -10.29
N LEU A 486 -10.26 12.42 -10.09
CA LEU A 486 -11.61 12.66 -9.46
C LEU A 486 -12.71 11.83 -10.13
N TYR A 487 -12.72 11.74 -11.47
CA TYR A 487 -13.69 10.90 -12.24
C TYR A 487 -13.45 9.41 -11.95
N ALA A 488 -12.20 8.94 -12.04
CA ALA A 488 -11.79 7.53 -11.82
C ALA A 488 -12.18 7.06 -10.41
N GLN A 489 -11.93 7.90 -9.39
CA GLN A 489 -12.34 7.69 -7.97
C GLN A 489 -13.84 7.35 -7.91
N SER A 490 -14.69 8.13 -8.59
CA SER A 490 -16.17 7.96 -8.65
C SER A 490 -16.53 6.65 -9.37
N ARG A 491 -15.87 6.35 -10.50
CA ARG A 491 -16.04 5.07 -11.27
C ARG A 491 -15.71 3.87 -10.38
N LEU A 492 -14.54 3.89 -9.72
CA LEU A 492 -14.08 2.85 -8.76
C LEU A 492 -15.12 2.63 -7.64
N ARG A 493 -15.69 3.71 -7.07
CA ARG A 493 -16.74 3.65 -6.00
C ARG A 493 -17.96 2.85 -6.48
N ARG A 494 -18.44 3.08 -7.71
CA ARG A 494 -19.59 2.35 -8.32
C ARG A 494 -19.27 0.85 -8.45
N GLN A 495 -18.05 0.49 -8.87
CA GLN A 495 -17.55 -0.91 -8.90
C GLN A 495 -17.37 -1.48 -7.47
N GLY A 496 -17.19 -0.63 -6.45
CA GLY A 496 -17.14 -0.99 -5.01
C GLY A 496 -15.75 -0.86 -4.39
N ILE A 497 -14.72 -0.41 -5.12
CA ILE A 497 -13.35 -0.13 -4.61
C ILE A 497 -13.33 1.31 -4.05
N PHE A 498 -13.05 1.47 -2.75
CA PHE A 498 -13.02 2.76 -2.01
C PHE A 498 -11.56 3.26 -1.99
N CYS A 499 -11.33 4.52 -2.38
CA CYS A 499 -10.00 5.14 -2.62
C CYS A 499 -9.88 6.49 -1.92
N ILE A 500 -9.11 6.54 -0.83
CA ILE A 500 -8.40 7.78 -0.35
C ILE A 500 -7.19 8.02 -1.27
N HIS A 501 -6.67 9.25 -1.33
CA HIS A 501 -5.46 9.66 -2.09
C HIS A 501 -5.70 9.45 -3.60
N PRO A 502 -6.59 10.25 -4.25
CA PRO A 502 -7.01 9.98 -5.65
C PRO A 502 -5.87 9.95 -6.68
N LEU A 503 -4.86 10.84 -6.53
CA LEU A 503 -3.60 10.91 -7.32
C LEU A 503 -2.90 9.55 -7.46
N ARG A 504 -2.95 8.68 -6.44
CA ARG A 504 -2.31 7.33 -6.46
C ARG A 504 -2.96 6.37 -7.48
N ILE A 505 -4.19 6.64 -7.97
CA ILE A 505 -4.84 5.87 -9.09
C ILE A 505 -3.89 5.84 -10.30
N ASN A 506 -3.25 6.99 -10.64
CA ASN A 506 -2.25 7.13 -11.74
C ASN A 506 -1.09 6.13 -11.58
N LEU A 507 -0.61 5.88 -10.35
CA LEU A 507 0.52 4.92 -10.08
C LEU A 507 0.14 3.51 -10.54
N GLY A 508 -1.13 3.10 -10.32
CA GLY A 508 -1.78 1.88 -10.85
C GLY A 508 -1.48 1.61 -12.32
N GLY A 509 -1.58 2.64 -13.17
CA GLY A 509 -1.27 2.61 -14.61
C GLY A 509 0.10 2.04 -14.96
N LYS A 510 1.12 2.28 -14.12
CA LYS A 510 2.55 1.92 -14.37
C LYS A 510 2.96 0.63 -13.62
N LEU A 511 2.05 -0.13 -12.97
CA LEU A 511 2.40 -1.36 -12.21
C LEU A 511 2.94 -2.44 -13.18
N GLN A 512 4.16 -2.93 -12.96
CA GLN A 512 4.81 -4.09 -13.64
C GLN A 512 4.76 -5.37 -12.78
N LEU A 513 4.88 -5.25 -11.45
CA LEU A 513 4.83 -6.37 -10.47
C LEU A 513 3.72 -6.11 -9.44
N VAL A 514 2.93 -7.14 -9.10
CA VAL A 514 1.91 -7.13 -8.00
C VAL A 514 2.22 -8.29 -7.05
N CYS A 515 2.44 -7.97 -5.77
CA CYS A 515 2.56 -8.93 -4.64
C CYS A 515 1.15 -9.32 -4.16
N PHE A 516 0.99 -10.55 -3.65
CA PHE A 516 -0.29 -11.12 -3.15
C PHE A 516 -0.04 -11.92 -1.85
N ASP A 517 -0.84 -11.67 -0.80
CA ASP A 517 -0.92 -12.56 0.40
C ASP A 517 -1.66 -13.85 0.04
N LYS A 518 -1.49 -14.93 0.82
CA LYS A 518 -2.13 -16.25 0.53
C LYS A 518 -3.39 -16.41 1.40
N THR A 519 -3.26 -16.46 2.73
CA THR A 519 -4.43 -16.78 3.61
C THR A 519 -5.30 -15.52 3.70
N GLY A 520 -6.49 -15.54 3.07
CA GLY A 520 -7.47 -14.44 3.06
C GLY A 520 -7.52 -13.64 1.77
N THR A 521 -6.50 -13.72 0.90
CA THR A 521 -6.44 -12.98 -0.39
C THR A 521 -6.71 -13.94 -1.54
N LEU A 522 -5.88 -14.98 -1.65
CA LEU A 522 -5.86 -15.94 -2.78
C LEU A 522 -6.37 -17.32 -2.31
N THR A 523 -6.67 -17.56 -1.02
CA THR A 523 -6.93 -18.95 -0.52
C THR A 523 -8.02 -19.03 0.57
N GLU A 524 -9.05 -18.16 0.60
CA GLU A 524 -10.39 -18.38 1.25
C GLU A 524 -10.39 -18.29 2.80
N ASP A 525 -9.27 -18.01 3.49
CA ASP A 525 -9.18 -17.83 4.97
C ASP A 525 -9.88 -18.96 5.73
N GLY A 526 -9.69 -20.22 5.31
CA GLY A 526 -10.32 -21.35 6.03
C GLY A 526 -10.07 -22.71 5.41
N LEU A 527 -10.01 -23.74 6.26
CA LEU A 527 -9.72 -25.15 5.90
C LEU A 527 -11.05 -25.86 5.67
N ASP A 528 -11.16 -26.61 4.56
CA ASP A 528 -12.35 -27.41 4.16
C ASP A 528 -11.90 -28.84 3.82
N VAL A 529 -12.68 -29.84 4.25
CA VAL A 529 -12.35 -31.30 4.18
C VAL A 529 -12.30 -31.72 2.69
N MET A 530 -11.09 -31.95 2.17
CA MET A 530 -10.80 -32.54 0.83
C MET A 530 -11.43 -33.94 0.76
N GLY A 531 -11.21 -34.74 1.81
CA GLY A 531 -11.93 -36.02 2.02
C GLY A 531 -11.43 -36.84 3.20
N VAL A 532 -12.01 -38.03 3.36
CA VAL A 532 -11.66 -39.07 4.38
C VAL A 532 -11.33 -40.38 3.64
N VAL A 533 -10.42 -41.21 4.17
CA VAL A 533 -10.14 -42.59 3.68
C VAL A 533 -10.92 -43.58 4.58
N PRO A 534 -11.72 -44.53 4.01
CA PRO A 534 -12.43 -45.57 4.78
C PRO A 534 -11.63 -46.49 5.72
N LEU A 535 -10.49 -47.02 5.24
CA LEU A 535 -9.67 -48.10 5.87
C LEU A 535 -10.55 -49.35 6.13
N LYS A 536 -11.28 -49.82 5.10
CA LYS A 536 -12.18 -51.01 5.14
C LYS A 536 -11.38 -52.27 5.48
N GLY A 537 -10.28 -52.52 4.75
CA GLY A 537 -9.31 -53.59 5.03
C GLY A 537 -8.31 -53.23 6.11
N GLN A 538 -7.36 -54.13 6.41
CA GLN A 538 -6.19 -53.88 7.32
C GLN A 538 -5.30 -52.81 6.67
N ALA A 539 -5.03 -52.93 5.37
CA ALA A 539 -4.41 -51.89 4.50
C ALA A 539 -5.45 -50.78 4.23
N PHE A 540 -4.97 -49.56 3.97
CA PHE A 540 -5.79 -48.34 3.67
C PHE A 540 -6.57 -48.51 2.35
N LEU A 541 -7.74 -47.88 2.29
CA LEU A 541 -8.74 -47.93 1.18
C LEU A 541 -8.55 -46.68 0.31
N PRO A 542 -8.99 -46.65 -0.98
CA PRO A 542 -9.21 -45.39 -1.72
C PRO A 542 -10.12 -44.34 -1.04
N LEU A 543 -9.73 -43.06 -1.15
CA LEU A 543 -10.36 -41.88 -0.47
C LEU A 543 -11.79 -41.64 -0.97
N VAL A 544 -12.70 -41.22 -0.07
CA VAL A 544 -14.10 -40.80 -0.37
C VAL A 544 -14.06 -39.29 -0.67
N PRO A 545 -14.37 -38.80 -1.91
CA PRO A 545 -14.34 -37.36 -2.21
C PRO A 545 -15.25 -36.43 -1.38
N GLU A 546 -16.54 -36.78 -1.21
CA GLU A 546 -17.61 -35.93 -0.63
C GLU A 546 -18.10 -36.53 0.69
N PRO A 547 -17.93 -35.86 1.88
CA PRO A 547 -18.55 -36.31 3.13
C PRO A 547 -20.10 -36.31 3.14
N ARG A 548 -20.74 -35.35 2.47
CA ARG A 548 -22.22 -35.31 2.20
C ARG A 548 -22.70 -36.60 1.50
N ARG A 549 -21.89 -37.23 0.63
CA ARG A 549 -22.13 -38.63 0.13
C ARG A 549 -21.61 -39.60 1.21
N LEU A 550 -22.30 -39.64 2.35
CA LEU A 550 -21.91 -40.40 3.58
C LEU A 550 -22.21 -41.89 3.40
N PRO A 551 -21.33 -42.83 3.85
CA PRO A 551 -21.74 -44.19 4.21
C PRO A 551 -22.03 -44.35 5.72
N VAL A 552 -23.22 -44.85 6.08
CA VAL A 552 -23.61 -45.20 7.49
C VAL A 552 -22.70 -46.32 8.02
N GLY A 553 -22.34 -46.25 9.30
CA GLY A 553 -21.35 -47.14 9.97
C GLY A 553 -20.48 -46.41 11.00
N PRO A 554 -19.36 -47.03 11.47
CA PRO A 554 -18.53 -46.46 12.55
C PRO A 554 -17.88 -45.11 12.21
N LEU A 555 -17.50 -44.90 10.93
CA LEU A 555 -16.90 -43.64 10.40
C LEU A 555 -17.97 -42.51 10.48
N LEU A 556 -19.19 -42.76 9.99
CA LEU A 556 -20.37 -41.84 10.09
C LEU A 556 -20.55 -41.38 11.55
N ARG A 557 -20.66 -42.34 12.49
CA ARG A 557 -20.83 -42.06 13.96
C ARG A 557 -19.59 -41.32 14.51
N ALA A 558 -18.36 -41.73 14.12
CA ALA A 558 -17.08 -41.14 14.58
C ALA A 558 -17.04 -39.63 14.29
N LEU A 559 -17.45 -39.22 13.08
CA LEU A 559 -17.62 -37.77 12.69
C LEU A 559 -18.65 -37.11 13.62
N ALA A 560 -19.80 -37.77 13.86
CA ALA A 560 -20.95 -37.26 14.65
C ALA A 560 -20.52 -36.96 16.10
N THR A 561 -19.87 -37.92 16.78
CA THR A 561 -19.58 -37.88 18.25
C THR A 561 -18.17 -37.34 18.58
N CYS A 562 -17.21 -37.28 17.64
CA CYS A 562 -15.90 -36.56 17.82
C CYS A 562 -16.11 -35.06 17.59
N HIS A 563 -16.54 -34.34 18.64
CA HIS A 563 -16.86 -32.89 18.64
C HIS A 563 -16.52 -32.24 20.00
N ALA A 564 -16.09 -30.96 19.97
CA ALA A 564 -15.78 -30.10 21.14
C ALA A 564 -16.76 -28.90 21.19
N LEU A 565 -18.04 -29.14 20.90
CA LEU A 565 -19.04 -28.07 20.61
C LEU A 565 -19.51 -27.44 21.93
N SER A 566 -19.61 -26.10 21.97
CA SER A 566 -20.25 -25.27 23.02
C SER A 566 -21.68 -24.89 22.59
N ARG A 567 -22.41 -24.15 23.45
CA ARG A 567 -23.81 -23.71 23.21
C ARG A 567 -23.90 -22.19 23.03
N LEU A 568 -24.36 -21.77 21.84
CA LEU A 568 -24.86 -20.40 21.50
C LEU A 568 -26.26 -20.54 20.86
N GLN A 569 -26.92 -19.42 20.54
CA GLN A 569 -28.38 -19.32 20.28
C GLN A 569 -28.67 -19.96 18.92
N ASP A 570 -29.06 -21.25 18.93
CA ASP A 570 -29.17 -22.21 17.79
C ASP A 570 -27.92 -22.19 16.88
N THR A 571 -26.73 -21.99 17.46
CA THR A 571 -25.45 -21.68 16.76
C THR A 571 -24.30 -22.52 17.34
N PRO A 572 -23.44 -23.17 16.51
CA PRO A 572 -22.24 -23.89 17.00
C PRO A 572 -21.06 -22.95 17.31
N VAL A 573 -20.20 -23.38 18.24
CA VAL A 573 -19.06 -22.58 18.80
C VAL A 573 -17.97 -23.55 19.33
N GLY A 574 -16.69 -23.20 19.11
CA GLY A 574 -15.51 -24.02 19.43
C GLY A 574 -14.49 -23.99 18.30
N ASP A 575 -13.78 -25.10 18.08
CA ASP A 575 -12.69 -25.25 17.07
C ASP A 575 -13.31 -25.15 15.67
N PRO A 576 -12.94 -24.15 14.80
CA PRO A 576 -13.55 -23.97 13.47
C PRO A 576 -13.50 -25.19 12.53
N MET A 577 -12.37 -25.92 12.53
CA MET A 577 -12.13 -27.18 11.78
C MET A 577 -13.14 -28.26 12.22
N ASP A 578 -13.34 -28.41 13.54
CA ASP A 578 -14.34 -29.36 14.14
C ASP A 578 -15.76 -28.90 13.78
N LEU A 579 -16.06 -27.60 13.95
CA LEU A 579 -17.33 -26.92 13.51
C LEU A 579 -17.60 -27.23 12.02
N LYS A 580 -16.59 -27.09 11.14
CA LYS A 580 -16.68 -27.42 9.67
C LYS A 580 -17.06 -28.89 9.48
N MET A 581 -16.41 -29.82 10.20
CA MET A 581 -16.61 -31.30 10.11
C MET A 581 -18.08 -31.67 10.40
N VAL A 582 -18.71 -31.05 11.42
CA VAL A 582 -20.14 -31.31 11.78
C VAL A 582 -21.06 -30.85 10.63
N GLU A 583 -20.74 -29.73 9.97
CA GLU A 583 -21.45 -29.23 8.75
C GLU A 583 -21.18 -30.15 7.54
N SER A 584 -19.98 -30.73 7.41
CA SER A 584 -19.59 -31.66 6.30
C SER A 584 -20.48 -32.91 6.28
N THR A 585 -20.71 -33.51 7.45
CA THR A 585 -21.58 -34.71 7.70
C THR A 585 -23.02 -34.49 7.21
N GLY A 586 -23.59 -33.28 7.41
CA GLY A 586 -25.03 -32.99 7.28
C GLY A 586 -25.85 -33.29 8.54
N TRP A 587 -25.22 -33.68 9.67
CA TRP A 587 -25.90 -33.98 10.96
C TRP A 587 -26.33 -32.68 11.64
N VAL A 588 -27.30 -32.77 12.57
CA VAL A 588 -27.85 -31.65 13.41
C VAL A 588 -27.53 -31.97 14.88
N LEU A 589 -26.97 -30.99 15.61
CA LEU A 589 -26.61 -31.05 17.05
C LEU A 589 -27.70 -30.31 17.85
N GLU A 590 -28.38 -31.02 18.78
CA GLU A 590 -29.36 -30.44 19.76
C GLU A 590 -29.11 -31.06 21.15
N GLY A 600 -30.24 -42.40 30.48
CA GLY A 600 -29.10 -41.46 30.50
C GLY A 600 -29.24 -40.39 31.57
N THR A 601 -28.16 -40.07 32.30
CA THR A 601 -28.04 -38.92 33.25
C THR A 601 -26.88 -37.97 32.91
N GLN A 602 -25.91 -38.34 32.03
CA GLN A 602 -24.74 -37.49 31.63
C GLN A 602 -24.80 -37.13 30.13
N VAL A 603 -25.95 -37.28 29.44
CA VAL A 603 -26.06 -37.15 27.95
C VAL A 603 -26.05 -35.65 27.61
N LEU A 604 -25.19 -35.22 26.66
CA LEU A 604 -25.00 -33.81 26.21
C LEU A 604 -24.95 -33.78 24.68
N ALA A 605 -25.50 -32.73 24.05
CA ALA A 605 -25.34 -32.38 22.61
C ALA A 605 -25.83 -33.54 21.71
N VAL A 606 -27.13 -33.86 21.83
CA VAL A 606 -27.79 -35.04 21.17
C VAL A 606 -27.68 -34.89 19.64
N MET A 607 -27.25 -35.95 18.96
CA MET A 607 -26.69 -35.94 17.58
C MET A 607 -27.70 -36.65 16.65
N ARG A 608 -28.20 -35.93 15.63
CA ARG A 608 -29.30 -36.36 14.70
C ARG A 608 -28.81 -36.32 13.24
N PRO A 609 -29.42 -37.11 12.31
CA PRO A 609 -29.09 -37.05 10.88
C PRO A 609 -29.67 -35.84 10.15
N PRO A 610 -29.36 -35.63 8.83
CA PRO A 610 -30.10 -34.68 8.00
C PRO A 610 -31.61 -34.96 7.76
N LEU A 611 -32.10 -36.19 8.05
CA LEU A 611 -33.51 -36.69 7.97
C LEU A 611 -33.92 -37.11 6.54
N TRP A 612 -33.06 -36.94 5.52
CA TRP A 612 -33.10 -37.68 4.22
C TRP A 612 -32.90 -39.19 4.47
N GLU A 613 -33.50 -40.02 3.61
CA GLU A 613 -33.41 -41.51 3.59
C GLU A 613 -32.99 -41.99 2.19
N PRO A 614 -32.15 -43.06 2.04
CA PRO A 614 -31.88 -43.66 0.73
C PRO A 614 -33.09 -44.47 0.22
N PRO A 622 -31.37 -46.61 7.68
CA PRO A 622 -31.03 -46.67 9.12
C PRO A 622 -30.19 -45.47 9.59
N PRO A 623 -30.79 -44.26 9.79
CA PRO A 623 -30.04 -43.09 10.25
C PRO A 623 -29.46 -43.19 11.67
N VAL A 624 -30.21 -43.80 12.61
CA VAL A 624 -29.83 -44.18 14.02
C VAL A 624 -29.26 -42.98 14.77
N PRO A 625 -30.07 -41.94 15.11
CA PRO A 625 -29.59 -40.71 15.78
C PRO A 625 -28.94 -40.99 17.15
N VAL A 626 -27.66 -40.63 17.28
CA VAL A 626 -26.70 -41.20 18.29
C VAL A 626 -26.61 -40.26 19.51
N SER A 627 -26.11 -40.81 20.63
CA SER A 627 -25.77 -40.09 21.90
C SER A 627 -24.33 -40.42 22.33
N VAL A 628 -23.81 -39.64 23.29
CA VAL A 628 -22.39 -39.65 23.75
C VAL A 628 -22.40 -40.15 25.21
N LEU A 629 -21.91 -41.39 25.44
CA LEU A 629 -21.80 -42.03 26.78
C LEU A 629 -20.82 -41.25 27.67
N HIS A 630 -19.63 -40.91 27.16
CA HIS A 630 -18.60 -40.08 27.85
C HIS A 630 -17.81 -39.23 26.83
N ARG A 631 -17.10 -38.19 27.32
CA ARG A 631 -16.25 -37.26 26.52
C ARG A 631 -14.98 -36.93 27.34
N PHE A 632 -13.79 -37.07 26.73
CA PHE A 632 -12.46 -36.92 27.38
C PHE A 632 -11.57 -35.96 26.55
N PRO A 633 -11.01 -34.88 27.14
CA PRO A 633 -10.54 -33.70 26.39
C PRO A 633 -9.24 -33.79 25.55
N PHE A 634 -9.06 -32.81 24.66
CA PHE A 634 -7.89 -32.64 23.74
C PHE A 634 -6.81 -31.84 24.47
N SER A 635 -6.05 -32.53 25.34
CA SER A 635 -4.82 -32.00 26.01
C SER A 635 -3.70 -31.85 24.97
N SER A 636 -2.92 -30.77 25.06
CA SER A 636 -1.84 -30.38 24.12
C SER A 636 -0.78 -31.49 24.01
N ALA A 637 -0.35 -32.03 25.15
CA ALA A 637 0.54 -33.21 25.28
C ALA A 637 -0.11 -34.46 24.64
N LEU A 638 -1.40 -34.69 24.92
CA LEU A 638 -2.20 -35.85 24.40
C LEU A 638 -2.30 -35.81 22.87
N GLN A 639 -2.65 -34.63 22.31
CA GLN A 639 -2.88 -34.38 20.85
C GLN A 639 -4.08 -35.21 20.36
N ARG A 640 -5.10 -35.43 21.23
CA ARG A 640 -6.24 -36.36 20.96
C ARG A 640 -7.40 -36.16 21.96
N MET A 641 -8.63 -36.49 21.53
CA MET A 641 -9.89 -36.49 22.35
C MET A 641 -10.64 -37.81 22.11
N SER A 642 -11.03 -38.52 23.18
CA SER A 642 -11.75 -39.83 23.17
C SER A 642 -13.19 -39.61 23.65
N VAL A 643 -14.19 -39.91 22.81
CA VAL A 643 -15.64 -39.64 23.07
C VAL A 643 -16.37 -40.98 22.95
N VAL A 644 -16.83 -41.53 24.09
CA VAL A 644 -17.54 -42.85 24.15
C VAL A 644 -18.99 -42.58 23.72
N VAL A 645 -19.51 -43.40 22.79
CA VAL A 645 -20.72 -43.10 21.95
C VAL A 645 -21.69 -44.30 22.06
N ALA A 646 -22.93 -44.02 22.50
CA ALA A 646 -24.04 -44.99 22.69
C ALA A 646 -25.12 -44.75 21.61
N TRP A 647 -25.33 -45.73 20.73
CA TRP A 647 -26.38 -45.73 19.67
C TRP A 647 -27.67 -46.30 20.27
N PRO A 648 -28.88 -45.91 19.81
CA PRO A 648 -30.13 -46.60 20.17
C PRO A 648 -30.31 -47.89 19.35
N GLY A 649 -29.54 -48.94 19.71
CA GLY A 649 -29.48 -50.25 19.04
C GLY A 649 -29.59 -51.48 19.94
N ALA A 650 -29.69 -51.32 21.28
CA ALA A 650 -29.62 -52.40 22.30
C ALA A 650 -28.30 -53.19 22.21
N THR A 651 -27.17 -52.47 22.11
CA THR A 651 -25.77 -52.98 22.00
C THR A 651 -24.85 -52.18 22.94
N GLN A 652 -23.78 -52.81 23.44
CA GLN A 652 -22.85 -52.22 24.45
C GLN A 652 -22.01 -51.13 23.77
N PRO A 653 -21.88 -49.89 24.33
CA PRO A 653 -21.20 -48.79 23.62
C PRO A 653 -19.66 -48.85 23.56
N GLU A 654 -19.10 -48.20 22.52
CA GLU A 654 -17.66 -48.19 22.13
C GLU A 654 -17.12 -46.74 22.19
N ALA A 655 -15.86 -46.58 22.58
CA ALA A 655 -15.12 -45.29 22.60
C ALA A 655 -14.64 -44.97 21.18
N TYR A 656 -15.05 -43.82 20.60
CA TYR A 656 -14.63 -43.28 19.28
C TYR A 656 -13.78 -42.01 19.49
N VAL A 657 -12.58 -41.96 18.91
CA VAL A 657 -11.45 -41.05 19.27
C VAL A 657 -10.96 -40.32 18.00
N LYS A 658 -10.56 -39.04 18.15
CA LYS A 658 -9.96 -38.14 17.12
C LYS A 658 -8.61 -37.63 17.67
N GLY A 659 -7.56 -37.59 16.84
CA GLY A 659 -6.23 -37.05 17.25
C GLY A 659 -5.23 -36.91 16.11
N SER A 660 -3.97 -36.59 16.42
CA SER A 660 -2.86 -36.45 15.44
C SER A 660 -2.46 -37.84 14.92
N PRO A 661 -1.89 -37.97 13.68
CA PRO A 661 -1.67 -39.29 13.07
C PRO A 661 -0.63 -40.14 13.81
N GLU A 662 0.56 -39.58 14.07
CA GLU A 662 1.63 -40.08 14.98
C GLU A 662 1.04 -40.64 16.28
N LEU A 663 0.30 -39.83 17.06
CA LEU A 663 -0.21 -40.20 18.42
C LEU A 663 -1.30 -41.28 18.29
N VAL A 664 -2.28 -41.09 17.39
CA VAL A 664 -3.44 -42.01 17.17
C VAL A 664 -2.92 -43.40 16.74
N ALA A 665 -2.00 -43.47 15.77
CA ALA A 665 -1.38 -44.72 15.28
C ALA A 665 -0.50 -45.35 16.36
N GLY A 666 0.34 -44.55 17.03
CA GLY A 666 1.17 -44.94 18.19
C GLY A 666 0.35 -45.61 19.30
N LEU A 667 -0.83 -45.06 19.62
CA LEU A 667 -1.76 -45.61 20.63
C LEU A 667 -2.52 -46.83 20.05
N CYS A 668 -2.81 -46.85 18.74
CA CYS A 668 -3.46 -48.02 18.04
C CYS A 668 -2.54 -49.25 18.02
N ASN A 669 -3.12 -50.44 17.95
CA ASN A 669 -2.37 -51.74 17.93
C ASN A 669 -1.80 -51.98 16.53
N PRO A 670 -0.57 -52.55 16.39
CA PRO A 670 0.14 -52.59 15.10
C PRO A 670 -0.48 -53.53 14.05
N GLU A 671 -1.11 -54.64 14.47
CA GLU A 671 -1.92 -55.56 13.61
C GLU A 671 -3.05 -54.75 12.93
N THR A 672 -3.79 -53.95 13.71
CA THR A 672 -4.88 -53.06 13.19
C THR A 672 -4.28 -51.96 12.30
N VAL A 673 -3.12 -51.39 12.66
CA VAL A 673 -2.48 -50.24 11.93
C VAL A 673 -2.04 -50.73 10.54
N PRO A 674 -2.28 -49.99 9.42
CA PRO A 674 -1.70 -50.33 8.11
C PRO A 674 -0.17 -50.19 8.04
N THR A 675 0.46 -51.00 7.16
CA THR A 675 1.94 -51.04 6.92
C THR A 675 2.44 -49.71 6.33
N ASP A 676 1.69 -49.09 5.42
CA ASP A 676 2.04 -47.83 4.70
C ASP A 676 1.36 -46.59 5.35
N PHE A 677 0.83 -46.68 6.59
CA PHE A 677 0.16 -45.55 7.32
C PHE A 677 1.10 -44.33 7.36
N ALA A 678 2.33 -44.54 7.83
CA ALA A 678 3.43 -43.55 7.92
C ALA A 678 3.73 -42.91 6.55
N GLN A 679 3.74 -43.72 5.48
CA GLN A 679 4.03 -43.28 4.07
C GLN A 679 2.89 -42.38 3.56
N MET A 680 1.63 -42.76 3.82
CA MET A 680 0.41 -41.96 3.47
C MET A 680 0.41 -40.65 4.29
N LEU A 681 0.61 -40.76 5.62
CA LEU A 681 0.87 -39.63 6.58
C LEU A 681 1.89 -38.64 5.96
N GLN A 682 3.07 -39.16 5.59
CA GLN A 682 4.21 -38.42 4.97
C GLN A 682 3.75 -37.73 3.68
N SER A 683 3.00 -38.42 2.80
CA SER A 683 2.51 -37.90 1.49
C SER A 683 1.65 -36.64 1.68
N TYR A 684 0.65 -36.68 2.58
CA TYR A 684 -0.29 -35.55 2.84
C TYR A 684 0.43 -34.37 3.52
N THR A 685 1.29 -34.63 4.53
CA THR A 685 2.08 -33.61 5.27
C THR A 685 3.04 -32.88 4.30
N ALA A 686 3.84 -33.64 3.55
CA ALA A 686 4.81 -33.12 2.52
C ALA A 686 4.07 -32.39 1.39
N ALA A 687 2.91 -32.90 0.95
CA ALA A 687 1.97 -32.22 0.01
C ALA A 687 1.42 -30.90 0.60
N GLY A 688 1.42 -30.73 1.93
CA GLY A 688 1.04 -29.50 2.65
C GLY A 688 -0.36 -29.56 3.26
N TYR A 689 -1.17 -30.57 2.93
CA TYR A 689 -2.56 -30.74 3.46
C TYR A 689 -2.49 -31.21 4.92
N ARG A 690 -3.45 -30.78 5.74
CA ARG A 690 -3.56 -31.15 7.18
C ARG A 690 -3.91 -32.64 7.29
N VAL A 691 -3.29 -33.36 8.23
CA VAL A 691 -3.46 -34.83 8.47
C VAL A 691 -4.02 -34.99 9.89
N VAL A 692 -5.27 -35.47 10.02
CA VAL A 692 -5.94 -35.81 11.33
C VAL A 692 -6.52 -37.24 11.24
N ALA A 693 -6.45 -37.98 12.35
CA ALA A 693 -6.62 -39.46 12.44
C ALA A 693 -7.80 -39.81 13.38
N LEU A 694 -8.62 -40.79 12.98
CA LEU A 694 -9.82 -41.28 13.72
C LEU A 694 -9.64 -42.78 14.05
N ALA A 695 -9.77 -43.14 15.34
CA ALA A 695 -9.53 -44.49 15.91
C ALA A 695 -10.54 -44.80 17.03
N SER A 696 -10.61 -46.07 17.47
CA SER A 696 -11.67 -46.56 18.40
C SER A 696 -11.25 -47.80 19.22
N LYS A 697 -11.71 -47.86 20.49
CA LYS A 697 -11.56 -48.99 21.46
C LYS A 697 -12.96 -49.39 21.96
N PRO A 698 -13.46 -50.64 21.74
CA PRO A 698 -14.70 -51.12 22.37
C PRO A 698 -14.62 -51.17 23.91
N LEU A 699 -15.66 -50.68 24.60
CA LEU A 699 -15.67 -50.40 26.07
C LEU A 699 -16.67 -51.36 26.74
N PRO A 700 -16.24 -52.27 27.66
CA PRO A 700 -17.18 -52.98 28.54
C PRO A 700 -17.64 -52.05 29.69
N THR A 701 -18.62 -51.18 29.37
CA THR A 701 -19.26 -50.18 30.27
C THR A 701 -20.78 -50.23 30.10
N VAL A 702 -21.52 -50.02 31.20
CA VAL A 702 -23.01 -50.13 31.26
C VAL A 702 -23.56 -48.80 30.72
N PRO A 703 -24.71 -48.78 29.97
CA PRO A 703 -25.32 -47.52 29.51
C PRO A 703 -26.03 -46.76 30.65
N SER A 704 -25.94 -45.42 30.60
CA SER A 704 -26.66 -44.41 31.45
C SER A 704 -26.04 -44.21 32.85
N LEU A 705 -24.97 -44.93 33.24
CA LEU A 705 -24.43 -44.96 34.64
C LEU A 705 -23.15 -44.11 34.72
N GLU A 706 -23.20 -43.01 35.49
CA GLU A 706 -22.12 -41.98 35.69
C GLU A 706 -20.83 -42.68 36.16
N ALA A 707 -20.94 -43.54 37.18
CA ALA A 707 -19.87 -44.39 37.77
C ALA A 707 -19.15 -45.22 36.70
N ALA A 708 -19.92 -45.83 35.78
CA ALA A 708 -19.42 -46.71 34.69
C ALA A 708 -18.80 -45.83 33.59
N GLN A 709 -19.41 -44.67 33.30
CA GLN A 709 -18.94 -43.67 32.31
C GLN A 709 -17.58 -43.09 32.73
N GLN A 710 -17.45 -42.69 34.01
CA GLN A 710 -16.19 -42.26 34.68
C GLN A 710 -15.15 -43.40 34.60
N LEU A 711 -13.91 -43.08 34.17
CA LEU A 711 -12.75 -44.00 34.03
C LEU A 711 -11.42 -43.23 34.17
N THR A 712 -10.28 -43.92 34.08
CA THR A 712 -8.93 -43.29 33.90
C THR A 712 -8.79 -42.97 32.40
N ARG A 713 -8.34 -41.75 32.08
CA ARG A 713 -8.20 -41.18 30.70
C ARG A 713 -7.32 -42.10 29.85
N ASP A 714 -6.13 -42.44 30.34
CA ASP A 714 -5.16 -43.36 29.67
C ASP A 714 -5.72 -44.79 29.61
N THR A 715 -6.56 -45.22 30.57
CA THR A 715 -7.30 -46.53 30.54
C THR A 715 -8.26 -46.54 29.32
N VAL A 716 -9.06 -45.48 29.16
CA VAL A 716 -9.99 -45.28 27.99
C VAL A 716 -9.16 -45.18 26.69
N GLU A 717 -8.04 -44.44 26.70
CA GLU A 717 -7.15 -44.20 25.54
C GLU A 717 -5.97 -45.19 25.60
N GLY A 718 -6.27 -46.50 25.57
CA GLY A 718 -5.33 -47.62 25.75
C GLY A 718 -4.90 -48.26 24.44
N ASP A 719 -5.64 -49.30 24.00
CA ASP A 719 -5.38 -50.14 22.80
C ASP A 719 -6.56 -49.98 21.83
N LEU A 720 -6.31 -49.48 20.61
CA LEU A 720 -7.35 -48.99 19.64
C LEU A 720 -7.11 -49.59 18.24
N SER A 721 -8.18 -49.64 17.43
CA SER A 721 -8.20 -49.96 15.97
C SER A 721 -8.19 -48.63 15.20
N LEU A 722 -7.36 -48.51 14.15
CA LEU A 722 -7.34 -47.32 13.25
C LEU A 722 -8.63 -47.35 12.39
N LEU A 723 -9.53 -46.39 12.60
CA LEU A 723 -10.87 -46.32 11.95
C LEU A 723 -10.68 -45.74 10.55
N GLY A 724 -9.87 -44.68 10.43
CA GLY A 724 -9.38 -44.12 9.15
C GLY A 724 -8.59 -42.82 9.33
N LEU A 725 -8.50 -42.02 8.25
CA LEU A 725 -7.88 -40.65 8.24
C LEU A 725 -8.86 -39.63 7.65
N LEU A 726 -8.63 -38.35 7.98
CA LEU A 726 -9.37 -37.16 7.49
C LEU A 726 -8.34 -36.11 7.00
N VAL A 727 -8.58 -35.51 5.82
CA VAL A 727 -7.69 -34.50 5.17
C VAL A 727 -8.52 -33.25 4.84
N MET A 728 -8.08 -32.08 5.34
CA MET A 728 -8.69 -30.73 5.14
C MET A 728 -7.61 -29.74 4.69
N ARG A 729 -8.03 -28.73 3.91
CA ARG A 729 -7.12 -27.78 3.20
C ARG A 729 -7.89 -26.56 2.64
N ASN A 730 -7.14 -25.52 2.29
CA ASN A 730 -7.65 -24.25 1.68
C ASN A 730 -7.88 -24.49 0.18
N LEU A 731 -8.98 -23.96 -0.38
CA LEU A 731 -9.56 -24.39 -1.70
C LEU A 731 -9.34 -23.33 -2.81
N LEU A 732 -8.28 -22.50 -2.72
CA LEU A 732 -8.06 -21.26 -3.53
C LEU A 732 -9.31 -20.35 -3.39
N LYS A 733 -9.79 -19.68 -4.45
CA LYS A 733 -11.15 -19.06 -4.55
C LYS A 733 -11.71 -19.25 -5.97
N PRO A 734 -13.02 -18.96 -6.23
CA PRO A 734 -13.59 -19.04 -7.59
C PRO A 734 -12.90 -18.19 -8.66
N GLN A 735 -12.53 -16.95 -8.32
CA GLN A 735 -12.06 -15.89 -9.26
C GLN A 735 -10.51 -15.79 -9.30
N THR A 736 -9.78 -16.50 -8.43
CA THR A 736 -8.29 -16.40 -8.25
C THR A 736 -7.59 -16.89 -9.53
N THR A 737 -7.89 -18.13 -9.95
CA THR A 737 -7.29 -18.83 -11.12
C THR A 737 -7.46 -18.00 -12.39
N PRO A 738 -8.68 -17.54 -12.79
CA PRO A 738 -8.87 -16.63 -13.93
C PRO A 738 -7.97 -15.36 -13.97
N VAL A 739 -8.00 -14.55 -12.90
CA VAL A 739 -7.33 -13.21 -12.79
C VAL A 739 -5.82 -13.39 -12.98
N ILE A 740 -5.20 -14.32 -12.25
CA ILE A 740 -3.74 -14.63 -12.29
C ILE A 740 -3.30 -15.01 -13.73
N GLN A 741 -4.12 -15.75 -14.49
CA GLN A 741 -3.84 -16.06 -15.92
C GLN A 741 -3.89 -14.78 -16.78
N ALA A 742 -4.88 -13.90 -16.55
CA ALA A 742 -5.05 -12.61 -17.27
C ALA A 742 -3.87 -11.68 -16.96
N LEU A 743 -3.48 -11.56 -15.68
CA LEU A 743 -2.22 -10.90 -15.21
C LEU A 743 -0.98 -11.49 -15.91
N ARG A 744 -0.93 -12.81 -16.12
CA ARG A 744 0.18 -13.52 -16.84
C ARG A 744 0.16 -13.12 -18.32
N ARG A 745 -1.01 -13.15 -18.99
CA ARG A 745 -1.23 -12.74 -20.41
C ARG A 745 -0.82 -11.27 -20.61
N THR A 746 -1.26 -10.38 -19.71
CA THR A 746 -0.86 -8.94 -19.63
C THR A 746 0.66 -8.78 -19.41
N ARG A 747 1.34 -9.77 -18.81
CA ARG A 747 2.80 -9.84 -18.50
C ARG A 747 3.09 -8.92 -17.29
N ILE A 748 2.11 -8.67 -16.41
CA ILE A 748 2.29 -8.01 -15.08
C ILE A 748 2.64 -9.15 -14.13
N ARG A 749 3.86 -9.14 -13.55
CA ARG A 749 4.43 -10.28 -12.78
C ARG A 749 3.67 -10.45 -11.45
N ALA A 750 3.47 -11.70 -11.01
CA ALA A 750 2.71 -12.10 -9.80
C ALA A 750 3.68 -12.74 -8.80
N VAL A 751 3.74 -12.23 -7.56
CA VAL A 751 4.64 -12.69 -6.46
C VAL A 751 3.79 -13.05 -5.23
N MET A 752 4.00 -14.23 -4.65
CA MET A 752 3.29 -14.74 -3.43
C MET A 752 4.16 -14.45 -2.19
N VAL A 753 3.84 -13.37 -1.45
CA VAL A 753 4.48 -12.99 -0.15
C VAL A 753 3.49 -13.41 0.97
N THR A 754 3.82 -14.49 1.70
CA THR A 754 2.95 -15.15 2.72
C THR A 754 3.73 -15.37 4.03
N GLY A 755 3.01 -15.52 5.15
CA GLY A 755 3.56 -15.88 6.48
C GLY A 755 3.48 -17.36 6.82
N ASP A 756 3.11 -18.24 5.87
CA ASP A 756 2.77 -19.68 6.09
C ASP A 756 4.00 -20.55 5.76
N ASN A 757 3.85 -21.89 5.82
CA ASN A 757 4.90 -22.90 5.46
C ASN A 757 5.21 -22.85 3.95
N LEU A 758 6.44 -23.25 3.59
CA LEU A 758 7.00 -23.25 2.22
C LEU A 758 6.30 -24.31 1.35
N GLN A 759 6.16 -25.55 1.86
CA GLN A 759 5.55 -26.71 1.14
C GLN A 759 4.09 -26.40 0.76
N THR A 760 3.32 -25.77 1.66
CA THR A 760 1.90 -25.35 1.47
C THR A 760 1.86 -24.29 0.36
N ALA A 761 2.65 -23.21 0.51
CA ALA A 761 2.79 -22.05 -0.43
C ALA A 761 3.03 -22.53 -1.88
N VAL A 762 3.86 -23.56 -2.07
CA VAL A 762 4.18 -24.19 -3.40
C VAL A 762 2.89 -24.76 -4.02
N THR A 763 2.09 -25.56 -3.28
CA THR A 763 0.93 -26.31 -3.84
C THR A 763 -0.19 -25.32 -4.21
N VAL A 764 -0.46 -24.32 -3.35
CA VAL A 764 -1.40 -23.17 -3.66
C VAL A 764 -0.86 -22.43 -4.90
N ALA A 765 0.44 -22.10 -4.98
CA ALA A 765 1.07 -21.36 -6.11
C ALA A 765 0.90 -22.13 -7.43
N ARG A 766 1.12 -23.45 -7.43
CA ARG A 766 0.97 -24.36 -8.61
C ARG A 766 -0.50 -24.37 -9.08
N GLY A 767 -1.45 -24.58 -8.15
CA GLY A 767 -2.91 -24.55 -8.43
C GLY A 767 -3.39 -23.20 -8.91
N CYS A 768 -2.96 -22.11 -8.24
CA CYS A 768 -3.24 -20.67 -8.55
C CYS A 768 -2.86 -20.31 -10.00
N GLY A 769 -1.67 -20.74 -10.46
CA GLY A 769 -1.07 -20.39 -11.77
C GLY A 769 0.04 -19.34 -11.68
N MET A 770 0.59 -19.07 -10.49
CA MET A 770 1.86 -18.32 -10.26
C MET A 770 3.02 -19.02 -11.01
N VAL A 771 3.05 -20.37 -10.95
CA VAL A 771 3.99 -21.28 -11.65
C VAL A 771 3.13 -22.24 -12.50
N ALA A 772 3.35 -22.24 -13.83
CA ALA A 772 2.65 -23.13 -14.80
C ALA A 772 3.26 -24.53 -14.77
N PRO A 773 2.58 -25.59 -15.30
CA PRO A 773 3.10 -26.98 -15.28
C PRO A 773 4.45 -27.18 -15.99
N GLN A 774 4.61 -26.57 -17.17
CA GLN A 774 5.89 -26.54 -17.96
C GLN A 774 6.99 -25.82 -17.18
N GLU A 775 6.67 -24.78 -16.38
CA GLU A 775 7.66 -23.90 -15.68
C GLU A 775 8.31 -24.69 -14.53
N HIS A 776 9.54 -24.32 -14.16
CA HIS A 776 10.45 -25.06 -13.23
C HIS A 776 10.66 -24.21 -11.97
N LEU A 777 10.35 -24.78 -10.79
CA LEU A 777 10.52 -24.14 -9.45
C LEU A 777 11.82 -24.67 -8.81
N ILE A 778 12.67 -23.78 -8.26
CA ILE A 778 13.95 -24.10 -7.56
C ILE A 778 13.82 -23.61 -6.11
N ILE A 779 13.89 -24.51 -5.12
CA ILE A 779 13.92 -24.18 -3.66
C ILE A 779 15.33 -23.66 -3.35
N VAL A 780 15.45 -22.46 -2.77
CA VAL A 780 16.75 -21.82 -2.39
C VAL A 780 16.75 -21.69 -0.86
N HIS A 781 17.66 -22.40 -0.17
CA HIS A 781 17.88 -22.42 1.30
C HIS A 781 19.35 -22.10 1.61
N ALA A 782 19.59 -21.19 2.56
CA ALA A 782 20.93 -20.79 3.05
C ALA A 782 20.99 -20.86 4.58
N THR A 783 21.99 -21.58 5.13
CA THR A 783 22.19 -21.84 6.59
C THR A 783 22.77 -20.57 7.25
N HIS A 784 22.70 -20.50 8.59
CA HIS A 784 23.29 -19.38 9.42
C HIS A 784 24.82 -19.42 9.32
N PRO A 785 25.55 -18.28 9.55
CA PRO A 785 27.02 -18.28 9.49
C PRO A 785 27.68 -19.03 10.67
N GLU A 786 28.87 -19.59 10.45
CA GLU A 786 29.72 -20.28 11.47
C GLU A 786 31.17 -19.75 11.37
N ARG A 787 31.92 -19.80 12.48
CA ARG A 787 33.38 -19.46 12.52
C ARG A 787 34.15 -20.48 11.66
N GLY A 788 33.83 -21.79 11.78
CA GLY A 788 34.48 -22.90 11.06
C GLY A 788 34.28 -22.82 9.55
N GLN A 789 33.03 -22.60 9.09
CA GLN A 789 32.63 -22.63 7.65
C GLN A 789 31.64 -21.49 7.35
N PRO A 790 31.65 -20.87 6.14
CA PRO A 790 30.69 -19.81 5.79
C PRO A 790 29.26 -20.33 5.56
N ALA A 791 28.26 -19.44 5.69
CA ALA A 791 26.83 -19.66 5.33
C ALA A 791 26.74 -20.15 3.87
N SER A 792 26.10 -21.30 3.61
CA SER A 792 26.08 -21.95 2.28
C SER A 792 24.70 -21.78 1.64
N LEU A 793 24.64 -21.10 0.50
CA LEU A 793 23.40 -20.93 -0.32
C LEU A 793 23.13 -22.23 -1.07
N GLU A 794 22.46 -23.19 -0.44
CA GLU A 794 22.15 -24.52 -1.05
C GLU A 794 20.93 -24.34 -1.97
N PHE A 795 21.16 -24.27 -3.29
CA PHE A 795 20.06 -24.24 -4.30
C PHE A 795 19.68 -25.70 -4.60
N LEU A 796 18.39 -26.05 -4.47
CA LEU A 796 17.81 -27.42 -4.65
C LEU A 796 16.82 -27.38 -5.82
N PRO A 797 16.97 -28.19 -6.91
CA PRO A 797 15.91 -28.33 -7.91
C PRO A 797 14.72 -29.13 -7.36
N MET A 798 13.49 -28.61 -7.54
CA MET A 798 12.20 -29.28 -7.19
C MET A 798 11.55 -29.77 -8.50
N GLU A 799 11.47 -31.10 -8.69
CA GLU A 799 10.87 -31.76 -9.88
C GLU A 799 9.35 -31.60 -9.86
N SER A 800 8.72 -31.61 -11.05
CA SER A 800 7.25 -31.50 -11.25
C SER A 800 6.84 -32.00 -12.63
N PRO A 801 5.65 -32.65 -12.81
CA PRO A 801 5.15 -33.00 -14.15
C PRO A 801 4.57 -31.76 -14.85
N SER A 824 10.93 -19.77 -18.27
CA SER A 824 10.87 -18.77 -17.16
C SER A 824 11.07 -19.48 -15.81
N ARG A 825 12.26 -20.07 -15.62
CA ARG A 825 12.69 -20.78 -14.39
C ARG A 825 12.75 -19.76 -13.24
N HIS A 826 12.06 -20.05 -12.13
CA HIS A 826 11.79 -19.11 -11.00
C HIS A 826 12.08 -19.78 -9.65
N LEU A 827 12.22 -18.97 -8.59
CA LEU A 827 12.78 -19.38 -7.27
C LEU A 827 11.73 -19.28 -6.14
N ALA A 828 11.90 -20.12 -5.11
CA ALA A 828 11.08 -20.21 -3.88
C ALA A 828 11.96 -20.04 -2.64
N LEU A 829 11.61 -19.11 -1.73
CA LEU A 829 12.38 -18.77 -0.49
C LEU A 829 11.54 -19.02 0.78
N SER A 830 12.25 -19.22 1.90
CA SER A 830 11.77 -19.01 3.30
C SER A 830 12.25 -17.65 3.84
N GLY A 831 11.53 -17.10 4.83
CA GLY A 831 11.88 -15.87 5.58
C GLY A 831 13.32 -15.87 6.12
N PRO A 832 13.76 -16.92 6.86
CA PRO A 832 15.17 -17.09 7.24
C PRO A 832 16.18 -17.04 6.07
N THR A 833 15.92 -17.78 4.99
CA THR A 833 16.76 -17.85 3.74
C THR A 833 16.91 -16.44 3.15
N PHE A 834 15.79 -15.73 2.98
CA PHE A 834 15.70 -14.32 2.49
C PHE A 834 16.59 -13.41 3.34
N GLY A 835 16.47 -13.51 4.68
CA GLY A 835 17.34 -12.89 5.69
C GLY A 835 18.82 -13.16 5.43
N ILE A 836 19.20 -14.43 5.28
CA ILE A 836 20.60 -14.88 5.03
C ILE A 836 21.10 -14.29 3.69
N ILE A 837 20.27 -14.25 2.64
CA ILE A 837 20.65 -13.66 1.30
C ILE A 837 20.91 -12.14 1.48
N VAL A 838 19.99 -11.39 2.12
CA VAL A 838 20.14 -9.89 2.28
C VAL A 838 21.36 -9.57 3.17
N LYS A 839 21.57 -10.31 4.27
CA LYS A 839 22.67 -10.03 5.24
C LYS A 839 24.03 -10.50 4.69
N HIS A 840 24.13 -11.73 4.15
CA HIS A 840 25.43 -12.41 3.83
C HIS A 840 25.72 -12.56 2.32
N PHE A 841 24.76 -12.32 1.40
CA PHE A 841 24.97 -12.35 -0.08
C PHE A 841 24.33 -11.13 -0.77
N PRO A 842 24.76 -9.86 -0.47
CA PRO A 842 24.12 -8.67 -1.01
C PRO A 842 24.19 -8.54 -2.55
N LYS A 843 25.30 -8.98 -3.16
CA LYS A 843 25.51 -9.05 -4.64
C LYS A 843 24.46 -9.96 -5.29
N LEU A 844 24.18 -11.14 -4.71
CA LEU A 844 23.24 -12.14 -5.30
C LEU A 844 21.76 -11.74 -5.09
N LEU A 845 21.41 -10.96 -4.04
CA LEU A 845 20.00 -10.57 -3.70
C LEU A 845 19.25 -10.05 -4.95
N PRO A 846 19.75 -9.04 -5.74
CA PRO A 846 19.18 -8.68 -7.03
C PRO A 846 18.73 -9.83 -7.95
N LYS A 847 19.62 -10.82 -8.16
CA LYS A 847 19.38 -12.03 -9.00
C LYS A 847 18.20 -12.83 -8.43
N VAL A 848 18.09 -12.90 -7.09
CA VAL A 848 17.00 -13.64 -6.37
C VAL A 848 15.68 -12.86 -6.51
N LEU A 849 15.69 -11.53 -6.32
CA LEU A 849 14.47 -10.67 -6.35
C LEU A 849 13.83 -10.60 -7.74
N VAL A 850 14.63 -10.54 -8.81
CA VAL A 850 14.13 -10.47 -10.23
C VAL A 850 13.62 -11.84 -10.72
N GLN A 851 13.93 -12.96 -10.04
CA GLN A 851 13.56 -14.35 -10.44
C GLN A 851 12.61 -15.03 -9.42
N GLY A 852 12.66 -14.67 -8.12
CA GLY A 852 11.81 -15.24 -7.05
C GLY A 852 10.33 -14.94 -7.26
N THR A 853 9.47 -15.97 -7.14
CA THR A 853 7.99 -15.91 -7.34
C THR A 853 7.19 -16.31 -6.08
N VAL A 854 7.74 -17.05 -5.12
CA VAL A 854 7.03 -17.51 -3.88
C VAL A 854 7.96 -17.32 -2.66
N PHE A 855 7.63 -16.32 -1.81
CA PHE A 855 8.32 -15.97 -0.54
C PHE A 855 7.43 -16.43 0.61
N ALA A 856 7.87 -17.45 1.38
CA ALA A 856 7.09 -18.12 2.46
C ALA A 856 7.72 -17.83 3.84
N ARG A 857 6.90 -17.96 4.90
CA ARG A 857 7.25 -17.76 6.34
C ARG A 857 7.80 -16.33 6.59
N MET A 858 7.36 -15.33 5.82
CA MET A 858 7.89 -13.95 5.85
C MET A 858 7.34 -13.24 7.09
N ALA A 859 8.22 -12.59 7.88
CA ALA A 859 7.86 -11.79 9.08
C ALA A 859 7.20 -10.48 8.63
N PRO A 860 6.27 -9.88 9.41
CA PRO A 860 5.58 -8.63 9.02
C PRO A 860 6.50 -7.49 8.55
N GLU A 861 7.66 -7.33 9.18
CA GLU A 861 8.71 -6.32 8.82
C GLU A 861 9.39 -6.76 7.50
N GLN A 862 9.79 -8.05 7.39
CA GLN A 862 10.50 -8.64 6.21
C GLN A 862 9.71 -8.40 4.91
N LYS A 863 8.37 -8.46 4.95
CA LYS A 863 7.44 -8.21 3.81
C LYS A 863 7.62 -6.78 3.28
N THR A 864 7.68 -5.78 4.17
CA THR A 864 7.89 -4.33 3.83
C THR A 864 9.30 -4.19 3.22
N GLU A 865 10.30 -4.87 3.80
CA GLU A 865 11.72 -4.86 3.33
C GLU A 865 11.83 -5.49 1.92
N LEU A 866 11.03 -6.53 1.60
CA LEU A 866 10.93 -7.11 0.23
C LEU A 866 10.43 -6.04 -0.75
N VAL A 867 9.31 -5.38 -0.42
CA VAL A 867 8.66 -4.30 -1.25
C VAL A 867 9.64 -3.12 -1.42
N CYS A 868 10.32 -2.71 -0.34
CA CYS A 868 11.39 -1.65 -0.34
C CYS A 868 12.54 -2.05 -1.29
N GLU A 869 13.07 -3.27 -1.15
CA GLU A 869 14.22 -3.76 -1.98
C GLU A 869 13.78 -3.94 -3.45
N LEU A 870 12.55 -4.44 -3.70
CA LEU A 870 11.93 -4.52 -5.05
C LEU A 870 11.90 -3.11 -5.70
N GLN A 871 11.37 -2.10 -5.01
CA GLN A 871 11.28 -0.71 -5.58
C GLN A 871 12.66 -0.04 -5.66
N LYS A 872 13.67 -0.49 -4.87
CA LYS A 872 15.12 -0.14 -5.06
C LYS A 872 15.59 -0.56 -6.47
N LEU A 873 15.17 -1.73 -6.97
CA LEU A 873 15.54 -2.26 -8.33
C LEU A 873 14.80 -1.54 -9.49
N GLN A 874 13.99 -0.47 -9.25
CA GLN A 874 13.24 0.36 -10.24
C GLN A 874 11.96 -0.37 -10.76
N TYR A 875 11.60 -1.56 -10.24
CA TYR A 875 10.23 -2.15 -10.32
C TYR A 875 9.22 -1.20 -9.64
N CYS A 876 8.13 -0.85 -10.32
CA CYS A 876 6.86 -0.40 -9.66
C CYS A 876 6.22 -1.63 -9.01
N VAL A 877 5.66 -1.47 -7.80
CA VAL A 877 5.24 -2.58 -6.88
C VAL A 877 3.84 -2.28 -6.32
N GLY A 878 2.92 -3.24 -6.47
CA GLY A 878 1.60 -3.28 -5.78
C GLY A 878 1.50 -4.44 -4.80
N MET A 879 0.64 -4.33 -3.78
CA MET A 879 0.40 -5.37 -2.74
C MET A 879 -1.11 -5.53 -2.48
N CYS A 880 -1.59 -6.78 -2.47
CA CYS A 880 -2.98 -7.19 -2.13
C CYS A 880 -2.96 -7.91 -0.77
N GLY A 881 -3.81 -7.49 0.19
CA GLY A 881 -3.69 -7.85 1.63
C GLY A 881 -5.00 -8.14 2.38
N ASP A 882 -5.08 -9.30 3.03
CA ASP A 882 -6.16 -9.67 3.99
C ASP A 882 -6.14 -8.76 5.23
N GLY A 883 -4.95 -8.42 5.76
CA GLY A 883 -4.73 -7.41 6.83
C GLY A 883 -4.02 -7.92 8.08
N ALA A 884 -3.37 -7.01 8.81
CA ALA A 884 -2.79 -7.18 10.18
C ALA A 884 -1.40 -7.84 10.16
N ASN A 885 -0.97 -8.51 9.08
CA ASN A 885 0.44 -8.97 8.87
C ASN A 885 1.15 -8.18 7.75
N ASP A 886 0.39 -7.52 6.89
CA ASP A 886 0.83 -6.98 5.58
C ASP A 886 0.72 -5.44 5.59
N CYS A 887 0.25 -4.80 6.68
CA CYS A 887 -0.08 -3.35 6.78
C CYS A 887 1.15 -2.51 6.39
N GLY A 888 2.31 -2.86 6.96
CA GLY A 888 3.64 -2.30 6.66
C GLY A 888 3.91 -2.19 5.17
N ALA A 889 3.69 -3.27 4.41
CA ALA A 889 3.83 -3.32 2.94
C ALA A 889 2.76 -2.44 2.28
N LEU A 890 1.47 -2.60 2.65
CA LEU A 890 0.31 -1.85 2.06
C LEU A 890 0.64 -0.34 2.01
N LYS A 891 1.19 0.25 3.09
CA LYS A 891 1.74 1.64 3.08
C LYS A 891 3.00 1.70 2.19
N ALA A 892 3.98 0.81 2.38
CA ALA A 892 5.32 0.86 1.73
C ALA A 892 5.22 0.76 0.20
N ALA A 893 4.28 -0.04 -0.34
CA ALA A 893 4.08 -0.27 -1.79
C ALA A 893 3.54 0.99 -2.49
N ASP A 894 3.74 1.08 -3.81
CA ASP A 894 3.25 2.21 -4.65
C ASP A 894 1.71 2.18 -4.69
N VAL A 895 1.09 0.99 -4.81
CA VAL A 895 -0.39 0.75 -4.86
C VAL A 895 -0.76 -0.36 -3.87
N GLY A 896 -1.43 -0.02 -2.75
CA GLY A 896 -1.84 -0.96 -1.69
C GLY A 896 -3.35 -1.13 -1.65
N ILE A 897 -3.83 -2.37 -1.85
CA ILE A 897 -5.28 -2.75 -1.92
C ILE A 897 -5.55 -3.68 -0.73
N SER A 898 -6.33 -3.22 0.25
CA SER A 898 -6.68 -4.10 1.40
C SER A 898 -7.96 -4.84 1.03
N LEU A 899 -8.00 -6.15 1.21
CA LEU A 899 -9.26 -6.91 1.07
C LEU A 899 -9.97 -6.96 2.41
N SER A 900 -9.46 -6.31 3.46
CA SER A 900 -10.23 -6.28 4.72
C SER A 900 -10.82 -4.90 4.93
N GLN A 901 -11.98 -4.87 5.57
CA GLN A 901 -12.60 -3.62 6.07
C GLN A 901 -11.95 -3.23 7.40
N ALA A 902 -11.00 -4.01 7.94
CA ALA A 902 -10.48 -3.81 9.31
C ALA A 902 -8.96 -3.62 9.28
N GLU A 903 -8.44 -2.62 10.00
CA GLU A 903 -7.00 -2.42 10.30
C GLU A 903 -6.26 -2.03 9.02
N ALA A 904 -6.14 -2.96 8.07
CA ALA A 904 -5.44 -2.74 6.78
C ALA A 904 -5.99 -1.49 6.09
N SER A 905 -7.32 -1.32 6.12
CA SER A 905 -8.00 -0.17 5.49
C SER A 905 -7.36 1.14 5.96
N VAL A 906 -7.09 1.25 7.26
CA VAL A 906 -6.50 2.48 7.88
C VAL A 906 -5.21 2.84 7.13
N VAL A 907 -4.38 1.84 6.88
CA VAL A 907 -3.02 2.09 6.35
C VAL A 907 -3.09 2.05 4.81
N SER A 908 -3.85 1.11 4.26
CA SER A 908 -3.83 0.83 2.79
C SER A 908 -4.31 2.07 2.04
N PRO A 909 -3.66 2.47 0.93
CA PRO A 909 -4.19 3.48 0.00
C PRO A 909 -5.59 3.18 -0.54
N PHE A 910 -5.88 1.92 -0.93
CA PHE A 910 -7.18 1.48 -1.52
C PHE A 910 -7.84 0.44 -0.60
N THR A 911 -9.16 0.27 -0.72
CA THR A 911 -10.00 -0.73 0.02
C THR A 911 -11.05 -1.32 -0.92
N SER A 912 -11.31 -2.63 -0.82
CA SER A 912 -12.32 -3.43 -1.57
C SER A 912 -13.28 -4.11 -0.59
N SER A 913 -14.53 -4.34 -1.03
CA SER A 913 -15.62 -5.02 -0.28
C SER A 913 -15.85 -6.47 -0.74
N MET A 914 -15.19 -6.94 -1.83
CA MET A 914 -15.49 -8.23 -2.53
C MET A 914 -14.62 -9.40 -2.03
N ALA A 915 -13.55 -9.15 -1.25
CA ALA A 915 -12.66 -10.17 -0.64
C ALA A 915 -12.05 -11.07 -1.73
N SER A 916 -11.55 -10.45 -2.81
CA SER A 916 -11.14 -11.09 -4.09
C SER A 916 -9.88 -10.42 -4.66
N ILE A 917 -9.10 -11.17 -5.44
CA ILE A 917 -8.04 -10.65 -6.37
C ILE A 917 -8.66 -9.82 -7.52
N GLU A 918 -9.97 -10.01 -7.82
CA GLU A 918 -10.79 -9.32 -8.88
C GLU A 918 -10.58 -7.79 -8.91
N CYS A 919 -10.36 -7.13 -7.76
CA CYS A 919 -10.07 -5.66 -7.64
C CYS A 919 -8.83 -5.26 -8.46
N VAL A 920 -7.76 -6.09 -8.48
CA VAL A 920 -6.42 -5.75 -9.06
C VAL A 920 -6.59 -5.42 -10.56
N PRO A 921 -7.18 -6.30 -11.43
CA PRO A 921 -7.57 -5.92 -12.80
C PRO A 921 -8.28 -4.57 -12.99
N MET A 922 -9.24 -4.24 -12.11
CA MET A 922 -10.06 -2.99 -12.19
C MET A 922 -9.15 -1.77 -11.94
N VAL A 923 -8.40 -1.78 -10.83
CA VAL A 923 -7.51 -0.64 -10.42
C VAL A 923 -6.36 -0.46 -11.44
N ILE A 924 -5.85 -1.54 -12.04
CA ILE A 924 -4.86 -1.51 -13.18
C ILE A 924 -5.51 -0.75 -14.36
N ARG A 925 -6.68 -1.19 -14.82
CA ARG A 925 -7.42 -0.64 -16.00
C ARG A 925 -7.71 0.86 -15.82
N GLU A 926 -8.33 1.21 -14.68
CA GLU A 926 -8.68 2.62 -14.29
C GLU A 926 -7.39 3.45 -14.22
N GLY A 927 -6.33 2.92 -13.58
CA GLY A 927 -5.01 3.56 -13.48
C GLY A 927 -4.37 3.86 -14.83
N ARG A 928 -4.38 2.90 -15.75
CA ARG A 928 -3.84 3.03 -17.15
C ARG A 928 -4.57 4.16 -17.88
N CYS A 929 -5.90 4.14 -17.85
CA CYS A 929 -6.84 5.17 -18.42
C CYS A 929 -6.53 6.56 -17.83
N SER A 930 -6.46 6.67 -16.50
CA SER A 930 -6.21 7.94 -15.76
C SER A 930 -4.83 8.52 -16.09
N LEU A 931 -3.79 7.68 -16.19
CA LEU A 931 -2.41 8.08 -16.59
C LEU A 931 -2.42 8.61 -18.04
N ASP A 932 -3.15 7.97 -18.97
CA ASP A 932 -3.29 8.38 -20.39
C ASP A 932 -4.05 9.73 -20.45
N THR A 933 -5.17 9.85 -19.74
CA THR A 933 -5.99 11.09 -19.54
C THR A 933 -5.13 12.23 -18.98
N SER A 934 -4.33 11.96 -17.95
CA SER A 934 -3.40 12.92 -17.26
C SER A 934 -2.35 13.47 -18.24
N PHE A 935 -1.79 12.61 -19.10
CA PHE A 935 -0.85 12.98 -20.22
C PHE A 935 -1.55 13.97 -21.17
N SER A 936 -2.76 13.65 -21.65
CA SER A 936 -3.57 14.46 -22.62
C SER A 936 -3.93 15.83 -22.02
N VAL A 937 -4.41 15.85 -20.77
CA VAL A 937 -4.78 17.10 -20.02
C VAL A 937 -3.52 17.97 -19.84
N PHE A 938 -2.35 17.40 -19.50
CA PHE A 938 -1.06 18.15 -19.44
C PHE A 938 -0.72 18.72 -20.82
N LYS A 939 -0.70 17.87 -21.85
CA LYS A 939 -0.41 18.23 -23.28
C LYS A 939 -1.28 19.43 -23.69
N TYR A 940 -2.59 19.35 -23.45
CA TYR A 940 -3.58 20.44 -23.74
C TYR A 940 -3.22 21.72 -22.97
N MET A 941 -3.01 21.63 -21.65
CA MET A 941 -2.74 22.81 -20.77
C MET A 941 -1.41 23.48 -21.14
N ALA A 942 -0.37 22.69 -21.47
CA ALA A 942 0.93 23.18 -22.01
C ALA A 942 0.70 23.88 -23.36
N LEU A 943 -0.05 23.25 -24.28
CA LEU A 943 -0.39 23.82 -25.62
C LEU A 943 -1.18 25.12 -25.46
N TYR A 944 -2.23 25.14 -24.63
CA TYR A 944 -3.08 26.32 -24.24
C TYR A 944 -2.19 27.48 -23.76
N SER A 945 -1.28 27.19 -22.82
CA SER A 945 -0.24 28.11 -22.30
C SER A 945 0.52 28.77 -23.46
N LEU A 946 1.09 27.95 -24.36
CA LEU A 946 1.97 28.44 -25.47
C LEU A 946 1.15 29.19 -26.53
N THR A 947 -0.06 28.76 -26.93
CA THR A 947 -0.91 29.47 -27.95
C THR A 947 -1.28 30.87 -27.43
N GLN A 948 -1.65 31.00 -26.15
CA GLN A 948 -1.95 32.32 -25.49
C GLN A 948 -0.66 33.17 -25.42
N PHE A 949 0.50 32.56 -25.14
CA PHE A 949 1.84 33.21 -25.16
C PHE A 949 2.15 33.75 -26.57
N ILE A 950 1.92 32.94 -27.64
CA ILE A 950 2.14 33.33 -29.07
C ILE A 950 1.24 34.53 -29.42
N SER A 951 -0.07 34.46 -29.13
CA SER A 951 -1.05 35.54 -29.44
C SER A 951 -0.66 36.83 -28.71
N VAL A 952 -0.48 36.76 -27.38
CA VAL A 952 -0.20 37.93 -26.48
C VAL A 952 1.14 38.59 -26.87
N LEU A 953 2.18 37.83 -27.24
CA LEU A 953 3.46 38.38 -27.79
C LEU A 953 3.20 39.16 -29.09
N ILE A 954 2.52 38.52 -30.07
CA ILE A 954 2.23 39.11 -31.43
C ILE A 954 1.45 40.42 -31.23
N LEU A 955 0.43 40.47 -30.36
CA LEU A 955 -0.33 41.72 -30.06
C LEU A 955 0.57 42.77 -29.38
N TYR A 956 1.39 42.38 -28.37
CA TYR A 956 2.24 43.31 -27.56
C TYR A 956 3.14 44.17 -28.45
N THR A 957 3.74 43.59 -29.50
CA THR A 957 4.58 44.29 -30.53
C THR A 957 3.81 45.44 -31.22
N ILE A 958 2.49 45.33 -31.40
CA ILE A 958 1.61 46.30 -32.15
C ILE A 958 1.00 47.36 -31.19
N ASN A 959 1.39 47.45 -29.89
CA ASN A 959 0.72 48.24 -28.83
C ASN A 959 -0.76 47.80 -28.70
N THR A 960 -1.01 46.48 -28.66
CA THR A 960 -2.33 45.87 -28.37
C THR A 960 -2.14 44.66 -27.45
N ASN A 961 -3.25 44.12 -26.96
CA ASN A 961 -3.28 42.92 -26.07
C ASN A 961 -4.68 42.32 -26.13
N LEU A 962 -4.79 41.00 -26.01
CA LEU A 962 -6.11 40.33 -25.90
C LEU A 962 -6.86 41.02 -24.76
N GLY A 963 -7.97 41.70 -25.06
CA GLY A 963 -8.70 42.52 -24.06
C GLY A 963 -9.24 41.68 -22.91
N ASP A 964 -9.61 42.32 -21.79
CA ASP A 964 -10.30 41.64 -20.66
C ASP A 964 -11.73 41.29 -21.10
N LEU A 965 -12.23 40.13 -20.63
CA LEU A 965 -13.47 39.44 -21.10
C LEU A 965 -13.18 38.71 -22.42
N GLN A 966 -12.13 39.03 -23.19
CA GLN A 966 -11.59 38.13 -24.24
C GLN A 966 -10.63 37.12 -23.59
N PHE A 967 -9.82 37.55 -22.61
CA PHE A 967 -9.02 36.62 -21.76
C PHE A 967 -9.96 35.70 -20.95
N LEU A 968 -11.04 36.24 -20.38
CA LEU A 968 -11.96 35.46 -19.49
C LEU A 968 -12.59 34.31 -20.29
N ALA A 969 -13.19 34.61 -21.46
CA ALA A 969 -13.83 33.64 -22.38
C ALA A 969 -12.89 32.46 -22.61
N ILE A 970 -11.66 32.74 -23.07
CA ILE A 970 -10.56 31.74 -23.29
C ILE A 970 -10.35 30.98 -21.97
N ASP A 971 -10.11 31.70 -20.86
CA ASP A 971 -9.66 31.15 -19.56
C ASP A 971 -10.73 30.28 -18.88
N LEU A 972 -12.03 30.61 -19.00
CA LEU A 972 -13.16 29.95 -18.26
C LEU A 972 -14.03 29.12 -19.21
N VAL A 973 -14.78 29.75 -20.13
CA VAL A 973 -15.86 29.04 -20.90
C VAL A 973 -15.26 28.09 -21.96
N ILE A 974 -14.07 28.35 -22.53
CA ILE A 974 -13.40 27.42 -23.51
C ILE A 974 -12.59 26.35 -22.74
N THR A 975 -11.55 26.74 -21.98
CA THR A 975 -10.52 25.80 -21.44
C THR A 975 -11.07 24.91 -20.32
N THR A 976 -11.78 25.49 -19.34
CA THR A 976 -12.27 24.78 -18.11
C THR A 976 -13.35 23.75 -18.54
N THR A 977 -14.24 24.09 -19.49
CA THR A 977 -15.25 23.17 -20.10
C THR A 977 -14.53 21.97 -20.75
N VAL A 978 -13.63 22.22 -21.71
CA VAL A 978 -12.93 21.15 -22.51
C VAL A 978 -12.02 20.31 -21.60
N ALA A 979 -11.31 20.93 -20.63
CA ALA A 979 -10.46 20.24 -19.63
C ALA A 979 -11.27 19.29 -18.74
N VAL A 980 -12.46 19.71 -18.28
CA VAL A 980 -13.36 18.94 -17.35
C VAL A 980 -14.32 18.02 -18.15
N LEU A 981 -14.40 18.09 -19.50
CA LEU A 981 -15.18 17.13 -20.36
C LEU A 981 -14.26 16.12 -21.10
N MET A 982 -13.02 16.48 -21.45
CA MET A 982 -12.00 15.51 -22.00
C MET A 982 -11.53 14.51 -20.94
N SER A 983 -11.67 14.82 -19.64
CA SER A 983 -11.33 13.95 -18.47
C SER A 983 -12.40 12.86 -18.17
N ARG A 984 -13.56 12.85 -18.84
CA ARG A 984 -14.71 11.95 -18.52
C ARG A 984 -14.51 10.51 -19.04
N THR A 985 -13.60 10.26 -20.00
CA THR A 985 -13.54 8.99 -20.81
C THR A 985 -13.22 7.80 -19.88
N GLY A 986 -13.98 6.71 -20.00
CA GLY A 986 -13.88 5.51 -19.13
C GLY A 986 -12.79 4.55 -19.59
N PRO A 987 -12.39 3.55 -18.76
CA PRO A 987 -11.33 2.60 -19.14
C PRO A 987 -11.75 1.60 -20.23
N ALA A 988 -10.78 1.14 -21.04
CA ALA A 988 -10.97 0.14 -22.13
C ALA A 988 -11.37 -1.23 -21.52
N LEU A 989 -12.19 -1.98 -22.25
CA LEU A 989 -12.86 -3.23 -21.77
C LEU A 989 -11.86 -4.38 -21.56
N VAL A 990 -10.82 -4.49 -22.40
CA VAL A 990 -9.81 -5.59 -22.41
C VAL A 990 -8.44 -5.02 -22.00
N LEU A 991 -7.77 -5.67 -21.04
CA LEU A 991 -6.34 -5.40 -20.67
C LEU A 991 -5.43 -5.94 -21.78
N GLY A 992 -4.38 -5.19 -22.14
CA GLY A 992 -3.43 -5.47 -23.23
C GLY A 992 -1.99 -5.49 -22.74
N ARG A 993 -1.12 -6.19 -23.50
CA ARG A 993 0.33 -6.41 -23.18
C ARG A 993 1.08 -5.06 -23.11
N VAL A 994 0.85 -4.18 -24.10
CA VAL A 994 1.38 -2.78 -24.14
C VAL A 994 0.86 -1.98 -22.93
N ARG A 995 1.71 -1.09 -22.38
CA ARG A 995 1.50 -0.29 -21.14
C ARG A 995 1.64 1.19 -21.50
N PRO A 996 0.93 2.16 -20.84
CA PRO A 996 1.10 3.58 -21.14
C PRO A 996 2.53 4.11 -20.89
N PRO A 997 3.07 5.06 -21.71
CA PRO A 997 4.37 5.70 -21.41
C PRO A 997 4.40 6.47 -20.08
N GLY A 998 5.54 6.46 -19.39
CA GLY A 998 5.81 7.19 -18.13
C GLY A 998 6.47 8.55 -18.32
N ALA A 999 6.96 8.89 -19.52
CA ALA A 999 7.93 9.99 -19.78
C ALA A 999 7.21 11.19 -20.42
N LEU A 1000 6.97 12.25 -19.62
CA LEU A 1000 6.40 13.54 -20.07
C LEU A 1000 7.47 14.36 -20.82
N LEU A 1001 8.74 14.29 -20.39
CA LEU A 1001 9.94 14.74 -21.17
C LEU A 1001 10.36 13.56 -22.07
N SER A 1002 9.72 13.43 -23.23
CA SER A 1002 10.04 12.43 -24.29
C SER A 1002 9.78 13.00 -25.70
N VAL A 1003 10.62 12.62 -26.67
CA VAL A 1003 10.48 12.81 -28.16
C VAL A 1003 9.01 12.73 -28.61
N PRO A 1004 8.23 11.63 -28.36
CA PRO A 1004 6.81 11.55 -28.70
C PRO A 1004 5.92 12.73 -28.28
N VAL A 1005 6.08 13.23 -27.03
CA VAL A 1005 5.26 14.34 -26.46
C VAL A 1005 5.85 15.66 -27.01
N LEU A 1006 7.15 15.89 -26.85
CA LEU A 1006 7.85 17.17 -27.18
C LEU A 1006 7.72 17.48 -28.69
N SER A 1007 7.93 16.51 -29.57
CA SER A 1007 7.75 16.64 -31.05
C SER A 1007 6.28 16.95 -31.39
N SER A 1008 5.31 16.31 -30.71
CA SER A 1008 3.86 16.60 -30.83
C SER A 1008 3.62 18.08 -30.50
N LEU A 1009 4.02 18.54 -29.30
CA LEU A 1009 3.89 19.97 -28.84
C LEU A 1009 4.54 20.93 -29.85
N LEU A 1010 5.79 20.67 -30.25
CA LEU A 1010 6.62 21.54 -31.15
C LEU A 1010 5.91 21.74 -32.50
N LEU A 1011 5.64 20.64 -33.22
CA LEU A 1011 5.06 20.67 -34.60
C LEU A 1011 3.64 21.27 -34.58
N GLN A 1012 2.79 20.88 -33.61
CA GLN A 1012 1.43 21.46 -33.40
C GLN A 1012 1.55 22.97 -33.16
N MET A 1013 2.52 23.41 -32.34
CA MET A 1013 2.77 24.84 -32.04
C MET A 1013 3.27 25.60 -33.28
N VAL A 1014 4.12 25.00 -34.13
CA VAL A 1014 4.62 25.60 -35.42
C VAL A 1014 3.41 25.90 -36.33
N LEU A 1015 2.50 24.93 -36.51
CA LEU A 1015 1.23 25.10 -37.29
C LEU A 1015 0.34 26.19 -36.64
N VAL A 1016 0.21 26.18 -35.31
CA VAL A 1016 -0.56 27.17 -34.47
C VAL A 1016 -0.03 28.59 -34.74
N THR A 1017 1.29 28.79 -34.60
CA THR A 1017 2.02 30.06 -34.88
C THR A 1017 1.84 30.48 -36.34
N GLY A 1018 2.02 29.53 -37.28
CA GLY A 1018 1.91 29.72 -38.74
C GLY A 1018 0.55 30.25 -39.18
N VAL A 1019 -0.54 29.64 -38.71
CA VAL A 1019 -1.95 30.06 -38.97
C VAL A 1019 -2.18 31.48 -38.42
N GLN A 1020 -1.78 31.75 -37.16
CA GLN A 1020 -2.00 33.07 -36.48
C GLN A 1020 -1.25 34.18 -37.23
N LEU A 1021 0.04 33.99 -37.54
CA LEU A 1021 0.86 34.95 -38.34
C LEU A 1021 0.29 35.09 -39.77
N GLY A 1022 -0.09 33.96 -40.41
CA GLY A 1022 -0.77 33.90 -41.71
C GLY A 1022 -2.03 34.75 -41.76
N GLY A 1023 -2.86 34.66 -40.70
CA GLY A 1023 -4.07 35.48 -40.48
C GLY A 1023 -3.78 36.98 -40.41
N TYR A 1024 -2.78 37.38 -39.61
CA TYR A 1024 -2.34 38.80 -39.41
C TYR A 1024 -1.94 39.42 -40.75
N PHE A 1025 -0.97 38.82 -41.44
CA PHE A 1025 -0.38 39.33 -42.72
C PHE A 1025 -1.44 39.35 -43.83
N LEU A 1026 -2.33 38.33 -43.90
CA LEU A 1026 -3.53 38.31 -44.78
C LEU A 1026 -4.43 39.53 -44.48
N THR A 1027 -4.72 39.81 -43.20
CA THR A 1027 -5.57 40.96 -42.74
C THR A 1027 -4.93 42.28 -43.20
N LEU A 1028 -3.63 42.46 -42.94
CA LEU A 1028 -2.81 43.64 -43.35
C LEU A 1028 -2.89 43.88 -44.86
N ALA A 1029 -2.80 42.82 -45.68
CA ALA A 1029 -2.84 42.85 -47.17
C ALA A 1029 -4.16 43.43 -47.71
N GLN A 1030 -5.32 43.16 -47.08
CA GLN A 1030 -6.66 43.48 -47.65
C GLN A 1030 -6.88 45.00 -47.76
N PRO A 1031 -7.56 45.50 -48.82
CA PRO A 1031 -7.58 46.94 -49.13
C PRO A 1031 -8.42 47.81 -48.17
N TRP A 1032 -9.50 47.26 -47.61
CA TRP A 1032 -10.31 47.86 -46.51
C TRP A 1032 -9.51 48.02 -45.20
N PHE A 1033 -8.39 47.30 -44.98
CA PHE A 1033 -7.61 47.29 -43.71
C PHE A 1033 -7.10 48.70 -43.35
N VAL A 1034 -7.15 49.03 -42.05
CA VAL A 1034 -6.73 50.33 -41.43
C VAL A 1034 -5.99 49.99 -40.13
N PRO A 1035 -4.74 50.51 -39.88
CA PRO A 1035 -4.08 50.31 -38.59
C PRO A 1035 -4.66 51.17 -37.45
N LEU A 1036 -4.22 50.89 -36.21
CA LEU A 1036 -4.74 51.52 -34.96
C LEU A 1036 -3.96 52.81 -34.63
N ASN A 1037 -4.24 53.42 -33.48
CA ASN A 1037 -3.59 54.67 -32.98
C ASN A 1037 -2.07 54.48 -32.85
N ARG A 1038 -1.64 53.37 -32.22
CA ARG A 1038 -0.22 52.99 -31.93
C ARG A 1038 0.47 54.02 -30.99
N THR A 1039 -0.30 54.82 -30.24
CA THR A 1039 0.15 55.99 -29.42
C THR A 1039 -0.47 55.90 -28.03
N VAL A 1040 -1.81 55.96 -27.94
CA VAL A 1040 -2.61 55.63 -26.70
C VAL A 1040 -2.46 54.13 -26.36
N ALA A 1041 -2.84 53.75 -25.13
CA ALA A 1041 -2.53 52.44 -24.52
C ALA A 1041 -3.33 51.30 -25.18
N ALA A 1042 -2.74 50.11 -25.21
CA ALA A 1042 -3.32 48.79 -25.61
C ALA A 1042 -4.74 48.59 -25.08
N PRO A 1043 -5.05 48.77 -23.76
CA PRO A 1043 -6.44 48.73 -23.28
C PRO A 1043 -7.38 49.82 -23.85
N ASP A 1044 -6.86 51.04 -24.07
CA ASP A 1044 -7.66 52.24 -24.47
C ASP A 1044 -8.21 52.07 -25.90
N ASN A 1045 -7.40 51.54 -26.82
CA ASN A 1045 -7.86 51.06 -28.16
C ASN A 1045 -8.66 49.77 -27.95
N LEU A 1046 -9.96 49.89 -27.63
CA LEU A 1046 -10.85 48.74 -27.28
C LEU A 1046 -11.13 47.90 -28.53
N PRO A 1047 -11.66 48.45 -29.67
CA PRO A 1047 -11.81 47.70 -30.93
C PRO A 1047 -10.68 47.89 -31.97
N ASN A 1048 -10.23 46.79 -32.59
CA ASN A 1048 -9.15 46.79 -33.61
C ASN A 1048 -9.13 45.46 -34.41
N TYR A 1049 -8.93 45.56 -35.74
CA TYR A 1049 -8.87 44.43 -36.71
C TYR A 1049 -7.85 43.37 -36.28
N GLU A 1050 -6.67 43.78 -35.79
CA GLU A 1050 -5.55 42.89 -35.35
C GLU A 1050 -6.04 42.04 -34.17
N ASN A 1051 -6.61 42.69 -33.14
CA ASN A 1051 -7.21 42.04 -31.95
C ASN A 1051 -8.31 41.05 -32.40
N THR A 1052 -9.20 41.49 -33.31
CA THR A 1052 -10.32 40.68 -33.87
C THR A 1052 -9.80 39.43 -34.60
N VAL A 1053 -8.86 39.56 -35.54
CA VAL A 1053 -8.33 38.41 -36.35
C VAL A 1053 -7.49 37.47 -35.46
N VAL A 1054 -6.63 38.01 -34.57
CA VAL A 1054 -5.81 37.24 -33.59
C VAL A 1054 -6.75 36.43 -32.67
N PHE A 1055 -7.72 37.11 -32.03
CA PHE A 1055 -8.74 36.51 -31.12
C PHE A 1055 -9.54 35.42 -31.86
N SER A 1056 -10.13 35.75 -33.02
CA SER A 1056 -11.04 34.87 -33.81
C SER A 1056 -10.34 33.56 -34.17
N LEU A 1057 -9.14 33.65 -34.77
CA LEU A 1057 -8.30 32.48 -35.15
C LEU A 1057 -7.86 31.70 -33.90
N SER A 1058 -7.36 32.39 -32.86
CA SER A 1058 -6.87 31.77 -31.60
C SER A 1058 -8.00 31.01 -30.88
N SER A 1059 -9.20 31.63 -30.76
CA SER A 1059 -10.45 31.07 -30.16
C SER A 1059 -10.70 29.63 -30.61
N PHE A 1060 -10.68 29.38 -31.93
CA PHE A 1060 -10.86 28.03 -32.54
C PHE A 1060 -9.70 27.10 -32.16
N GLN A 1061 -8.44 27.57 -32.18
CA GLN A 1061 -7.21 26.74 -31.97
C GLN A 1061 -7.23 26.06 -30.59
N TYR A 1062 -7.73 26.73 -29.53
CA TYR A 1062 -7.93 26.14 -28.18
C TYR A 1062 -8.95 24.98 -28.27
N LEU A 1063 -10.08 25.21 -28.96
CA LEU A 1063 -11.16 24.19 -29.23
C LEU A 1063 -10.57 22.99 -29.99
N ILE A 1064 -9.81 23.25 -31.07
CA ILE A 1064 -9.19 22.24 -32.00
C ILE A 1064 -8.23 21.35 -31.22
N LEU A 1065 -7.24 21.95 -30.52
CA LEU A 1065 -6.12 21.24 -29.83
C LEU A 1065 -6.66 20.19 -28.83
N ALA A 1066 -7.62 20.57 -27.98
CA ALA A 1066 -8.34 19.71 -27.00
C ALA A 1066 -8.86 18.41 -27.65
N ALA A 1067 -9.46 18.51 -28.84
CA ALA A 1067 -10.05 17.37 -29.60
C ALA A 1067 -8.95 16.45 -30.14
N ALA A 1068 -7.87 17.00 -30.71
CA ALA A 1068 -6.78 16.26 -31.40
C ALA A 1068 -5.94 15.45 -30.40
N VAL A 1069 -5.53 16.06 -29.28
CA VAL A 1069 -4.59 15.46 -28.26
C VAL A 1069 -5.15 14.18 -27.61
N SER A 1070 -6.48 14.05 -27.46
CA SER A 1070 -7.15 12.87 -26.83
C SER A 1070 -7.10 11.67 -27.79
N LYS A 1071 -6.19 10.71 -27.56
CA LYS A 1071 -5.92 9.56 -28.47
C LYS A 1071 -7.00 8.48 -28.26
N GLY A 1072 -7.31 8.12 -27.01
CA GLY A 1072 -8.50 7.35 -26.62
C GLY A 1072 -8.26 5.84 -26.53
N ALA A 1073 -8.32 5.15 -27.69
CA ALA A 1073 -8.69 3.73 -27.91
C ALA A 1073 -7.92 2.70 -27.08
N PRO A 1074 -6.55 2.63 -27.11
CA PRO A 1074 -5.85 1.47 -26.52
C PRO A 1074 -5.94 1.31 -24.99
N PHE A 1075 -6.12 2.40 -24.24
CA PHE A 1075 -6.28 2.43 -22.75
C PHE A 1075 -7.64 3.02 -22.30
N ARG A 1076 -8.32 3.86 -23.10
CA ARG A 1076 -9.62 4.53 -22.75
C ARG A 1076 -10.69 4.15 -23.77
N ARG A 1077 -11.95 4.51 -23.49
CA ARG A 1077 -13.12 4.31 -24.40
C ARG A 1077 -12.96 5.19 -25.64
N PRO A 1078 -13.53 4.81 -26.83
CA PRO A 1078 -13.41 5.62 -28.05
C PRO A 1078 -13.98 7.05 -27.92
N LEU A 1079 -13.32 8.04 -28.52
CA LEU A 1079 -13.64 9.50 -28.38
C LEU A 1079 -15.10 9.76 -28.83
N TYR A 1080 -15.54 9.11 -29.94
CA TYR A 1080 -16.93 9.14 -30.46
C TYR A 1080 -17.97 8.63 -29.44
N THR A 1081 -17.61 7.79 -28.45
CA THR A 1081 -18.47 7.42 -27.30
C THR A 1081 -18.77 8.64 -26.41
N ASN A 1082 -17.80 9.55 -26.23
CA ASN A 1082 -17.87 10.69 -25.25
C ASN A 1082 -18.67 11.83 -25.91
N VAL A 1083 -20.01 11.73 -25.86
CA VAL A 1083 -20.97 12.62 -26.59
C VAL A 1083 -20.91 14.05 -26.00
N PRO A 1084 -21.02 14.27 -24.66
CA PRO A 1084 -20.95 15.62 -24.08
C PRO A 1084 -19.75 16.51 -24.46
N PHE A 1085 -18.55 15.93 -24.62
CA PHE A 1085 -17.33 16.61 -25.12
C PHE A 1085 -17.56 17.09 -26.57
N LEU A 1086 -18.08 16.21 -27.43
CA LEU A 1086 -18.39 16.53 -28.86
C LEU A 1086 -19.50 17.59 -28.95
N VAL A 1087 -20.56 17.46 -28.15
CA VAL A 1087 -21.69 18.45 -28.02
C VAL A 1087 -21.12 19.80 -27.56
N ALA A 1088 -20.31 19.82 -26.49
CA ALA A 1088 -19.66 21.02 -25.91
C ALA A 1088 -18.77 21.70 -26.97
N LEU A 1089 -17.89 20.92 -27.63
CA LEU A 1089 -17.05 21.36 -28.79
C LEU A 1089 -17.92 21.96 -29.90
N ALA A 1090 -19.03 21.31 -30.27
CA ALA A 1090 -19.98 21.73 -31.34
C ALA A 1090 -20.65 23.06 -30.97
N LEU A 1091 -21.18 23.19 -29.75
CA LEU A 1091 -21.83 24.44 -29.24
C LEU A 1091 -20.83 25.60 -29.20
N LEU A 1092 -19.63 25.36 -28.64
CA LEU A 1092 -18.51 26.37 -28.60
C LEU A 1092 -18.08 26.72 -30.04
N SER A 1093 -17.98 25.74 -30.96
CA SER A 1093 -17.71 25.96 -32.42
C SER A 1093 -18.79 26.85 -33.05
N SER A 1094 -20.07 26.59 -32.76
CA SER A 1094 -21.26 27.36 -33.25
C SER A 1094 -21.21 28.82 -32.75
N VAL A 1095 -20.89 29.03 -31.46
CA VAL A 1095 -20.76 30.38 -30.82
C VAL A 1095 -19.61 31.15 -31.50
N LEU A 1096 -18.45 30.51 -31.70
CA LEU A 1096 -17.22 31.14 -32.30
C LEU A 1096 -17.45 31.45 -33.80
N VAL A 1097 -18.01 30.52 -34.57
CA VAL A 1097 -18.33 30.74 -36.03
C VAL A 1097 -19.43 31.81 -36.13
N GLY A 1098 -20.46 31.75 -35.25
CA GLY A 1098 -21.48 32.79 -35.06
C GLY A 1098 -20.87 34.17 -34.84
N LEU A 1099 -19.95 34.28 -33.88
CA LEU A 1099 -19.16 35.50 -33.51
C LEU A 1099 -18.59 36.17 -34.78
N VAL A 1100 -17.84 35.42 -35.59
CA VAL A 1100 -17.15 35.95 -36.81
C VAL A 1100 -18.19 36.26 -37.89
N LEU A 1101 -19.10 35.33 -38.23
CA LEU A 1101 -20.02 35.45 -39.41
C LEU A 1101 -21.09 36.54 -39.16
N VAL A 1102 -21.79 36.51 -38.01
CA VAL A 1102 -22.90 37.48 -37.68
C VAL A 1102 -22.29 38.80 -37.20
N PRO A 1103 -22.90 39.98 -37.49
CA PRO A 1103 -22.69 41.18 -36.68
C PRO A 1103 -23.19 40.93 -35.24
N GLY A 1104 -22.29 40.98 -34.26
CA GLY A 1104 -22.45 40.32 -32.95
C GLY A 1104 -23.05 41.20 -31.87
N LEU A 1105 -24.26 40.83 -31.40
CA LEU A 1105 -24.79 41.19 -30.05
C LEU A 1105 -23.72 40.94 -28.96
N LEU A 1106 -22.95 39.84 -29.05
CA LEU A 1106 -21.85 39.46 -28.12
C LEU A 1106 -20.51 40.11 -28.53
N GLN A 1107 -20.32 40.52 -29.80
CA GLN A 1107 -19.16 41.37 -30.26
C GLN A 1107 -19.04 42.66 -29.42
N GLY A 1108 -20.16 43.25 -28.97
CA GLY A 1108 -20.20 44.41 -28.06
C GLY A 1108 -19.49 44.16 -26.73
N PRO A 1109 -19.90 43.14 -25.93
CA PRO A 1109 -19.12 42.63 -24.79
C PRO A 1109 -17.63 42.32 -24.99
N LEU A 1110 -17.27 41.60 -26.06
CA LEU A 1110 -15.87 41.19 -26.37
C LEU A 1110 -15.07 42.28 -27.13
N ALA A 1111 -15.70 43.40 -27.53
CA ALA A 1111 -15.08 44.60 -28.16
C ALA A 1111 -14.43 44.25 -29.51
N LEU A 1112 -15.10 43.42 -30.33
CA LEU A 1112 -14.63 42.97 -31.67
C LEU A 1112 -15.12 43.97 -32.75
N ARG A 1113 -14.49 43.93 -33.94
CA ARG A 1113 -14.85 44.72 -35.15
C ARG A 1113 -15.48 43.77 -36.17
N ASN A 1114 -16.77 43.95 -36.52
CA ASN A 1114 -17.48 43.15 -37.56
C ASN A 1114 -16.87 43.50 -38.94
N ILE A 1115 -16.65 42.46 -39.77
CA ILE A 1115 -15.93 42.53 -41.09
C ILE A 1115 -16.97 42.43 -42.20
N THR A 1116 -17.05 43.45 -43.08
CA THR A 1116 -17.97 43.53 -44.24
C THR A 1116 -17.65 42.44 -45.28
N ASP A 1117 -16.36 42.19 -45.57
CA ASP A 1117 -15.91 41.28 -46.65
C ASP A 1117 -16.13 39.81 -46.22
N THR A 1118 -17.24 39.22 -46.70
CA THR A 1118 -17.60 37.77 -46.59
C THR A 1118 -16.44 36.88 -47.05
N GLY A 1119 -15.77 37.24 -48.16
CA GLY A 1119 -14.55 36.60 -48.70
C GLY A 1119 -13.47 36.38 -47.64
N PHE A 1120 -13.05 37.46 -46.96
CA PHE A 1120 -11.98 37.46 -45.92
C PHE A 1120 -12.41 36.59 -44.74
N LYS A 1121 -13.67 36.74 -44.28
CA LYS A 1121 -14.30 35.91 -43.22
C LYS A 1121 -14.24 34.42 -43.60
N LEU A 1122 -14.59 34.06 -44.84
CA LEU A 1122 -14.52 32.66 -45.36
C LEU A 1122 -13.05 32.19 -45.47
N LEU A 1123 -12.12 33.07 -45.88
CA LEU A 1123 -10.65 32.80 -45.88
C LEU A 1123 -10.14 32.53 -44.45
N LEU A 1124 -10.59 33.31 -43.46
CA LEU A 1124 -10.22 33.15 -42.01
C LEU A 1124 -10.75 31.80 -41.49
N LEU A 1125 -11.99 31.42 -41.82
CA LEU A 1125 -12.54 30.04 -41.63
C LEU A 1125 -11.66 29.02 -42.39
N GLY A 1126 -11.25 29.34 -43.63
CA GLY A 1126 -10.29 28.58 -44.47
C GLY A 1126 -9.03 28.18 -43.72
N LEU A 1127 -8.38 29.16 -43.07
CA LEU A 1127 -7.17 28.96 -42.21
C LEU A 1127 -7.50 28.05 -41.01
N VAL A 1128 -8.70 28.18 -40.41
CA VAL A 1128 -9.16 27.37 -39.23
C VAL A 1128 -9.31 25.90 -39.66
N THR A 1129 -10.12 25.64 -40.71
CA THR A 1129 -10.48 24.28 -41.21
C THR A 1129 -9.21 23.54 -41.68
N LEU A 1130 -8.28 24.23 -42.36
CA LEU A 1130 -6.86 23.81 -42.62
C LEU A 1130 -6.23 23.25 -41.34
N ASN A 1131 -6.20 24.04 -40.26
CA ASN A 1131 -5.44 23.74 -39.01
C ASN A 1131 -6.09 22.57 -38.26
N PHE A 1132 -7.43 22.42 -38.30
CA PHE A 1132 -8.17 21.23 -37.80
C PHE A 1132 -7.63 19.95 -38.47
N VAL A 1133 -7.61 19.93 -39.81
CA VAL A 1133 -7.15 18.76 -40.64
C VAL A 1133 -5.66 18.50 -40.33
N GLY A 1134 -4.84 19.55 -40.42
CA GLY A 1134 -3.38 19.55 -40.09
C GLY A 1134 -3.09 18.97 -38.72
N ALA A 1135 -3.76 19.48 -37.67
CA ALA A 1135 -3.62 19.06 -36.25
C ALA A 1135 -3.98 17.59 -36.08
N PHE A 1136 -5.17 17.18 -36.56
CA PHE A 1136 -5.70 15.79 -36.46
C PHE A 1136 -4.81 14.81 -37.25
N MET A 1137 -4.34 15.19 -38.44
CA MET A 1137 -3.38 14.39 -39.27
C MET A 1137 -2.05 14.20 -38.51
N LEU A 1138 -1.42 15.29 -38.05
CA LEU A 1138 -0.02 15.31 -37.54
C LEU A 1138 0.13 14.38 -36.31
N GLU A 1139 -0.87 14.37 -35.40
CA GLU A 1139 -0.95 13.41 -34.24
C GLU A 1139 -0.91 11.96 -34.77
N SER A 1140 -1.71 11.65 -35.80
CA SER A 1140 -1.76 10.33 -36.50
C SER A 1140 -0.40 10.01 -37.15
N VAL A 1141 0.21 10.98 -37.86
CA VAL A 1141 1.52 10.85 -38.56
C VAL A 1141 2.62 10.49 -37.54
N LEU A 1142 2.75 11.28 -36.46
CA LEU A 1142 3.74 11.04 -35.36
C LEU A 1142 3.43 9.72 -34.64
N ASP A 1143 2.16 9.43 -34.34
CA ASP A 1143 1.69 8.15 -33.70
C ASP A 1143 2.12 6.93 -34.53
N GLN A 1144 1.91 6.97 -35.86
CA GLN A 1144 2.17 5.84 -36.80
C GLN A 1144 3.62 5.79 -37.30
N CYS A 1145 4.39 6.89 -37.26
CA CYS A 1145 5.78 7.00 -37.83
C CYS A 1145 6.84 7.09 -36.72
N LEU A 1146 6.76 8.10 -35.83
CA LEU A 1146 7.87 8.55 -34.91
C LEU A 1146 8.47 7.41 -34.08
N PRO A 1147 7.70 6.48 -33.44
CA PRO A 1147 8.31 5.32 -32.77
C PRO A 1147 9.02 4.35 -33.73
N ALA A 1148 8.45 4.08 -34.91
CA ALA A 1148 9.04 3.23 -36.00
C ALA A 1148 10.35 3.85 -36.49
N CYS A 1149 10.33 5.16 -36.79
CA CYS A 1149 11.50 6.01 -37.19
C CYS A 1149 12.61 5.95 -36.12
N LEU A 1150 12.26 5.94 -34.83
CA LEU A 1150 13.21 5.72 -33.70
C LEU A 1150 13.83 4.30 -33.78
N ARG A 1151 13.07 3.24 -34.12
CA ARG A 1151 13.58 1.83 -34.24
C ARG A 1151 14.67 1.77 -35.32
N ARG A 1152 14.47 2.42 -36.46
CA ARG A 1152 15.49 2.65 -37.53
C ARG A 1152 16.75 3.31 -36.93
N LEU A 1153 16.59 4.39 -36.15
CA LEU A 1153 17.71 5.19 -35.58
C LEU A 1153 18.49 4.36 -34.55
N ARG A 1154 17.81 3.69 -33.62
CA ARG A 1154 18.43 2.75 -32.61
C ARG A 1154 17.46 1.59 -32.30
N PRO A 1155 17.69 0.34 -32.80
CA PRO A 1155 16.86 -0.82 -32.44
C PRO A 1155 17.24 -1.60 -31.16
N LYS A 1156 18.34 -1.23 -30.46
CA LYS A 1156 18.93 -1.96 -29.30
C LYS A 1156 19.10 -0.99 -28.11
N ARG A 1157 18.10 -0.14 -27.85
CA ARG A 1157 18.09 0.88 -26.75
C ARG A 1157 17.64 0.18 -25.46
N ALA A 1158 18.59 -0.41 -24.73
CA ALA A 1158 18.37 -1.12 -23.44
C ALA A 1158 18.04 -0.09 -22.35
N SER A 1159 17.05 -0.38 -21.50
CA SER A 1159 16.52 0.54 -20.46
C SER A 1159 17.52 0.67 -19.30
N LYS A 1160 17.58 1.86 -18.68
CA LYS A 1160 18.36 2.13 -17.43
C LYS A 1160 17.70 1.45 -16.20
N LYS A 1161 16.42 1.04 -16.27
CA LYS A 1161 15.68 0.26 -15.22
C LYS A 1161 16.47 -1.00 -14.85
N ARG A 1162 16.90 -1.12 -13.58
CA ARG A 1162 17.90 -2.15 -13.14
C ARG A 1162 17.32 -3.56 -13.29
N PHE A 1163 16.01 -3.76 -12.98
CA PHE A 1163 15.26 -5.03 -13.16
C PHE A 1163 15.38 -5.53 -14.63
N LYS A 1164 15.29 -4.61 -15.62
CA LYS A 1164 15.42 -4.94 -17.07
C LYS A 1164 16.86 -5.43 -17.37
N GLN A 1165 17.89 -4.73 -16.86
CA GLN A 1165 19.34 -5.06 -17.07
C GLN A 1165 19.63 -6.47 -16.51
N LEU A 1166 19.23 -6.72 -15.26
CA LEU A 1166 19.32 -8.04 -14.57
C LEU A 1166 18.61 -9.14 -15.38
N GLU A 1167 17.42 -8.85 -15.96
CA GLU A 1167 16.66 -9.80 -16.82
C GLU A 1167 17.50 -10.13 -18.08
N ARG A 1168 18.06 -9.11 -18.75
CA ARG A 1168 18.94 -9.24 -19.95
C ARG A 1168 20.16 -10.09 -19.58
N GLU A 1169 20.85 -9.77 -18.47
CA GLU A 1169 22.02 -10.51 -17.93
C GLU A 1169 21.68 -11.99 -17.71
N LEU A 1170 20.54 -12.28 -17.03
CA LEU A 1170 20.06 -13.68 -16.76
C LEU A 1170 19.80 -14.44 -18.07
N ALA A 1171 19.24 -13.79 -19.10
CA ALA A 1171 19.02 -14.37 -20.45
C ALA A 1171 20.37 -14.76 -21.10
N GLU A 1172 21.43 -13.96 -20.92
CA GLU A 1172 22.79 -14.28 -21.46
C GLU A 1172 23.38 -15.46 -20.67
N GLN A 1173 23.64 -15.26 -19.36
CA GLN A 1173 24.28 -16.24 -18.44
C GLN A 1173 23.24 -16.66 -17.38
N PRO A 1174 22.61 -17.86 -17.44
CA PRO A 1174 21.62 -18.27 -16.43
C PRO A 1174 22.23 -18.59 -15.06
N TRP A 1175 21.51 -18.26 -13.99
CA TRP A 1175 21.98 -18.35 -12.57
C TRP A 1175 21.86 -19.80 -12.10
N PRO A 1176 22.94 -20.46 -11.60
CA PRO A 1176 23.02 -21.90 -11.29
C PRO A 1176 22.07 -22.94 -11.90
N PRO A 1177 22.28 -23.32 -13.20
CA PRO A 1177 21.50 -24.35 -13.88
C PRO A 1177 22.14 -25.75 -13.75
#